data_7PDJ
#
_entry.id   7PDJ
#
_cell.length_a   119.402
_cell.length_b   69.324
_cell.length_c   131.887
_cell.angle_alpha   90
_cell.angle_beta   89.85
_cell.angle_gamma   90
#
_symmetry.space_group_name_H-M   'C 1 2 1'
#
_entity_poly.entity_id   1
_entity_poly.type   'polypeptide(L)'
_entity_poly.pdbx_seq_one_letter_code
;GAMGSMATYEVLCEVAEKLGTDDREVVLFLLNVFIPQPTLAQLIGALRALKEEGRLTFPLLAECLFRAGRRDLLRDLLHL
DPRFLERHLAGTMSYFSPYQLTVLHVDGELCARDIRSLIFLSKDTIGSRSTPQTFLHWVYCMENLDLLGPTDVDALMSML
RSLSRVDLQRQVQTLMGLHLSGPSHSQHYRHTP
;
_entity_poly.pdbx_strand_id   A,B,C,D,E,F
#
# COMPACT_ATOMS: atom_id res chain seq x y z
N MET A 6 34.86 2.11 -10.76
CA MET A 6 35.19 2.85 -9.54
C MET A 6 34.05 3.74 -9.04
N ALA A 7 33.89 3.85 -7.72
CA ALA A 7 32.84 4.65 -7.09
C ALA A 7 33.14 6.15 -7.07
N THR A 8 32.39 6.94 -7.84
CA THR A 8 32.53 8.41 -7.97
C THR A 8 32.33 9.11 -6.63
N TYR A 9 33.09 10.17 -6.35
CA TYR A 9 32.98 10.93 -5.10
C TYR A 9 31.66 11.66 -4.99
N GLU A 10 31.12 12.14 -6.12
CA GLU A 10 29.85 12.85 -6.13
C GLU A 10 28.67 11.92 -5.87
N VAL A 11 28.73 10.68 -6.33
CA VAL A 11 27.69 9.69 -6.10
C VAL A 11 27.65 9.28 -4.64
N LEU A 12 28.84 9.11 -4.04
CA LEU A 12 29.05 8.73 -2.64
C LEU A 12 28.37 9.66 -1.63
N CYS A 13 28.24 10.95 -1.96
CA CYS A 13 27.58 11.90 -1.09
C CYS A 13 26.06 11.73 -1.17
N GLU A 14 25.51 11.45 -2.38
CA GLU A 14 24.09 11.21 -2.65
C GLU A 14 23.59 9.91 -1.98
N VAL A 15 24.49 8.95 -1.75
CA VAL A 15 24.18 7.69 -1.07
C VAL A 15 24.05 7.94 0.43
N ALA A 16 24.94 8.78 0.98
CA ALA A 16 25.00 9.11 2.42
C ALA A 16 23.82 9.97 2.92
N GLU A 17 23.23 10.79 2.03
CA GLU A 17 22.08 11.61 2.38
C GLU A 17 20.88 10.69 2.57
N LYS A 18 20.63 9.81 1.57
CA LYS A 18 19.51 8.87 1.52
C LYS A 18 19.70 7.57 2.34
N LEU A 19 20.46 7.63 3.44
CA LEU A 19 20.68 6.46 4.29
C LEU A 19 20.22 6.76 5.73
N GLY A 20 19.16 6.06 6.17
CA GLY A 20 18.62 6.18 7.53
C GLY A 20 19.59 5.65 8.56
N THR A 21 19.47 6.07 9.84
CA THR A 21 20.43 5.68 10.90
C THR A 21 20.66 4.15 11.06
N ASP A 22 19.64 3.33 10.76
CA ASP A 22 19.70 1.87 10.84
C ASP A 22 20.53 1.28 9.68
N ASP A 23 20.37 1.84 8.45
CA ASP A 23 21.10 1.40 7.25
C ASP A 23 22.58 1.73 7.39
N ARG A 24 22.91 2.91 7.95
CA ARG A 24 24.27 3.41 8.13
C ARG A 24 25.26 2.37 8.66
N GLU A 25 24.95 1.72 9.80
CA GLU A 25 25.79 0.70 10.42
C GLU A 25 25.86 -0.59 9.60
N VAL A 26 24.82 -0.89 8.83
CA VAL A 26 24.81 -2.08 7.99
C VAL A 26 25.85 -1.94 6.88
N VAL A 27 25.82 -0.81 6.13
CA VAL A 27 26.75 -0.47 5.04
C VAL A 27 28.20 -0.47 5.51
N LEU A 28 28.49 0.29 6.58
CA LEU A 28 29.84 0.39 7.14
C LEU A 28 30.37 -0.97 7.56
N PHE A 29 29.50 -1.89 8.01
CA PHE A 29 29.94 -3.22 8.42
C PHE A 29 30.42 -4.01 7.23
N LEU A 30 29.66 -4.01 6.12
CA LEU A 30 30.03 -4.73 4.90
C LEU A 30 31.29 -4.19 4.22
N LEU A 31 31.59 -2.91 4.44
CA LEU A 31 32.80 -2.29 3.91
C LEU A 31 34.02 -2.42 4.89
N ASN A 32 33.90 -3.25 5.96
CA ASN A 32 34.91 -3.51 6.98
C ASN A 32 35.13 -2.34 7.95
N VAL A 33 35.12 -1.08 7.45
CA VAL A 33 35.35 0.17 8.21
C VAL A 33 34.61 0.27 9.57
N PHE A 34 33.28 0.13 9.56
CA PHE A 34 32.37 0.22 10.71
C PHE A 34 32.74 1.24 11.79
N ILE A 35 31.75 2.08 12.06
CA ILE A 35 31.74 3.15 13.05
C ILE A 35 30.33 3.08 13.67
N PRO A 36 30.25 2.76 14.97
CA PRO A 36 28.94 2.62 15.61
C PRO A 36 28.19 3.94 15.79
N GLN A 37 26.88 3.93 15.46
CA GLN A 37 25.94 5.07 15.50
C GLN A 37 26.55 6.28 14.83
N PRO A 38 26.66 6.26 13.49
CA PRO A 38 27.38 7.34 12.80
C PRO A 38 26.57 8.53 12.28
N THR A 39 27.16 9.73 12.33
CA THR A 39 26.55 10.96 11.80
C THR A 39 26.82 11.05 10.28
N LEU A 40 26.27 12.07 9.59
CA LEU A 40 26.52 12.24 8.15
C LEU A 40 28.01 12.45 7.86
N ALA A 41 28.70 13.16 8.76
CA ALA A 41 30.13 13.42 8.64
C ALA A 41 30.93 12.14 8.85
N GLN A 42 30.51 11.30 9.79
CA GLN A 42 31.18 10.04 10.08
C GLN A 42 31.01 9.04 8.96
N LEU A 43 29.83 9.01 8.34
CA LEU A 43 29.56 8.09 7.25
C LEU A 43 30.35 8.46 5.99
N ILE A 44 30.28 9.73 5.58
CA ILE A 44 31.04 10.19 4.42
C ILE A 44 32.54 10.11 4.68
N GLY A 45 32.96 10.42 5.90
CA GLY A 45 34.36 10.37 6.31
C GLY A 45 35.02 9.00 6.17
N ALA A 46 34.25 7.92 6.33
CA ALA A 46 34.78 6.59 6.15
C ALA A 46 34.76 6.22 4.68
N LEU A 47 33.69 6.62 3.97
CA LEU A 47 33.52 6.36 2.54
C LEU A 47 34.61 7.05 1.70
N ARG A 48 34.96 8.30 2.04
CA ARG A 48 36.00 9.08 1.37
C ARG A 48 37.35 8.40 1.53
N ALA A 49 37.62 7.80 2.71
CA ALA A 49 38.86 7.07 3.01
C ALA A 49 38.99 5.76 2.20
N LEU A 50 37.87 5.19 1.77
CA LEU A 50 37.89 3.97 0.97
C LEU A 50 38.05 4.30 -0.51
N LYS A 51 37.45 5.40 -0.98
CA LYS A 51 37.60 5.83 -2.37
C LYS A 51 38.98 6.44 -2.61
N GLU A 52 39.61 7.02 -1.55
CA GLU A 52 40.97 7.61 -1.56
C GLU A 52 42.09 6.58 -1.46
N GLU A 53 41.77 5.36 -0.95
CA GLU A 53 42.69 4.23 -0.85
C GLU A 53 42.59 3.30 -2.09
N GLY A 54 41.43 3.28 -2.73
CA GLY A 54 41.21 2.49 -3.94
C GLY A 54 40.29 1.30 -3.75
N ARG A 55 40.12 0.86 -2.50
CA ARG A 55 39.30 -0.30 -2.19
C ARG A 55 37.81 -0.15 -2.53
N LEU A 56 37.28 1.09 -2.59
CA LEU A 56 35.85 1.29 -2.90
C LEU A 56 35.54 1.30 -4.41
N THR A 57 35.37 0.10 -4.98
CA THR A 57 35.03 -0.04 -6.39
C THR A 57 33.52 0.08 -6.61
N PHE A 58 33.09 0.31 -7.85
CA PHE A 58 31.67 0.43 -8.17
C PHE A 58 30.86 -0.82 -7.87
N PRO A 59 31.29 -2.05 -8.25
CA PRO A 59 30.47 -3.24 -7.94
C PRO A 59 30.47 -3.62 -6.46
N LEU A 60 31.44 -3.11 -5.69
CA LEU A 60 31.48 -3.33 -4.26
C LEU A 60 30.38 -2.50 -3.62
N LEU A 61 30.14 -1.27 -4.11
CA LEU A 61 29.09 -0.40 -3.61
C LEU A 61 27.72 -0.84 -4.14
N ALA A 62 27.65 -1.30 -5.40
CA ALA A 62 26.40 -1.75 -5.99
C ALA A 62 25.86 -2.98 -5.25
N GLU A 63 26.75 -3.91 -4.92
CA GLU A 63 26.37 -5.08 -4.15
C GLU A 63 26.06 -4.68 -2.71
N CYS A 64 26.79 -3.73 -2.15
CA CYS A 64 26.59 -3.24 -0.79
C CYS A 64 25.15 -2.77 -0.58
N LEU A 65 24.67 -1.85 -1.43
CA LEU A 65 23.32 -1.33 -1.30
C LEU A 65 22.25 -2.41 -1.46
N PHE A 66 22.52 -3.38 -2.35
CA PHE A 66 21.63 -4.51 -2.65
C PHE A 66 21.52 -5.50 -1.51
N ARG A 67 22.66 -5.90 -0.91
CA ARG A 67 22.69 -6.84 0.21
C ARG A 67 22.08 -6.20 1.45
N ALA A 68 22.25 -4.86 1.63
CA ALA A 68 21.68 -4.10 2.75
C ALA A 68 20.13 -4.09 2.70
N GLY A 69 19.60 -4.01 1.50
CA GLY A 69 18.16 -3.98 1.31
C GLY A 69 17.70 -2.59 0.93
N ARG A 70 18.45 -1.95 0.03
CA ARG A 70 18.09 -0.65 -0.47
C ARG A 70 18.10 -0.72 -1.98
N ARG A 71 17.23 -1.58 -2.54
CA ARG A 71 17.13 -1.77 -3.98
C ARG A 71 16.66 -0.49 -4.72
N ASP A 72 16.06 0.48 -4.01
CA ASP A 72 15.59 1.72 -4.62
C ASP A 72 16.75 2.56 -5.18
N LEU A 73 17.79 2.73 -4.33
CA LEU A 73 19.01 3.49 -4.58
C LEU A 73 19.68 3.07 -5.88
N LEU A 74 19.69 1.76 -6.15
CA LEU A 74 20.30 1.15 -7.33
C LEU A 74 19.96 1.87 -8.65
N ARG A 75 18.67 2.11 -8.93
CA ARG A 75 18.29 2.82 -10.16
C ARG A 75 18.15 4.35 -9.96
N ASP A 76 18.24 4.84 -8.72
CA ASP A 76 18.14 6.27 -8.44
C ASP A 76 19.47 6.99 -8.63
N LEU A 77 20.55 6.42 -8.08
CA LEU A 77 21.87 7.04 -8.12
C LEU A 77 22.83 6.30 -9.04
N LEU A 78 22.93 4.97 -8.89
CA LEU A 78 23.85 4.17 -9.72
C LEU A 78 23.33 3.94 -11.14
N HIS A 79 22.03 4.12 -11.36
CA HIS A 79 21.34 4.00 -12.63
C HIS A 79 21.47 2.60 -13.20
N LEU A 80 21.30 1.59 -12.35
CA LEU A 80 21.33 0.18 -12.74
C LEU A 80 20.03 -0.53 -12.36
N ASP A 81 19.59 -1.48 -13.18
CA ASP A 81 18.35 -2.20 -12.94
C ASP A 81 18.54 -3.16 -11.76
N PRO A 82 17.78 -2.98 -10.67
CA PRO A 82 17.93 -3.89 -9.52
C PRO A 82 17.48 -5.33 -9.82
N ARG A 83 16.59 -5.51 -10.79
CA ARG A 83 16.13 -6.83 -11.23
C ARG A 83 17.28 -7.55 -11.95
N PHE A 84 18.07 -6.80 -12.75
CA PHE A 84 19.26 -7.22 -13.51
C PHE A 84 20.40 -7.54 -12.55
N LEU A 85 20.54 -6.75 -11.49
CA LEU A 85 21.57 -6.92 -10.48
C LEU A 85 21.25 -8.10 -9.56
N GLU A 86 19.94 -8.36 -9.30
CA GLU A 86 19.51 -9.48 -8.48
C GLU A 86 19.81 -10.78 -9.23
N ARG A 87 19.35 -10.87 -10.51
CA ARG A 87 19.59 -12.00 -11.40
C ARG A 87 21.09 -12.15 -11.75
N HIS A 88 21.86 -11.05 -11.69
CA HIS A 88 23.28 -11.02 -11.99
C HIS A 88 24.11 -11.51 -10.80
N LEU A 89 23.94 -10.92 -9.61
CA LEU A 89 24.73 -11.32 -8.45
C LEU A 89 24.34 -12.67 -7.85
N ALA A 90 23.57 -13.47 -8.60
CA ALA A 90 23.18 -14.82 -8.19
C ALA A 90 24.22 -15.83 -8.76
N GLY A 91 24.52 -15.74 -10.05
CA GLY A 91 25.55 -16.58 -10.67
C GLY A 91 26.95 -16.08 -10.34
N THR A 92 27.08 -14.74 -10.23
CA THR A 92 28.30 -14.02 -9.90
C THR A 92 28.69 -14.25 -8.44
N MET A 93 30.00 -14.30 -8.20
CA MET A 93 30.60 -14.50 -6.89
C MET A 93 30.47 -13.21 -6.04
N SER A 94 30.24 -13.39 -4.75
CA SER A 94 30.05 -12.28 -3.82
C SER A 94 31.36 -11.65 -3.33
N TYR A 95 31.41 -10.31 -3.34
CA TYR A 95 32.53 -9.50 -2.85
C TYR A 95 32.77 -9.72 -1.36
N PHE A 96 31.70 -9.95 -0.61
CA PHE A 96 31.76 -10.12 0.85
C PHE A 96 31.98 -11.56 1.28
N SER A 97 32.45 -11.73 2.51
CA SER A 97 32.70 -13.05 3.07
C SER A 97 31.39 -13.69 3.58
N PRO A 98 31.31 -15.04 3.62
CA PRO A 98 30.12 -15.68 4.19
C PRO A 98 29.99 -15.40 5.70
N TYR A 99 31.03 -14.86 6.35
CA TYR A 99 30.94 -14.47 7.74
C TYR A 99 30.20 -13.11 7.80
N GLN A 100 30.55 -12.15 6.93
CA GLN A 100 29.88 -10.83 6.90
C GLN A 100 28.41 -10.97 6.50
N LEU A 101 28.11 -11.88 5.58
CA LEU A 101 26.76 -12.12 5.11
C LEU A 101 25.90 -12.81 6.19
N THR A 102 26.51 -13.69 7.00
CA THR A 102 25.80 -14.41 8.08
C THR A 102 25.42 -13.47 9.19
N VAL A 103 26.33 -12.59 9.61
CA VAL A 103 26.12 -11.60 10.66
C VAL A 103 24.96 -10.66 10.29
N LEU A 104 24.95 -10.19 9.04
CA LEU A 104 23.90 -9.31 8.54
C LEU A 104 22.54 -10.02 8.55
N HIS A 105 22.51 -11.33 8.22
CA HIS A 105 21.26 -12.09 8.23
C HIS A 105 20.76 -12.31 9.68
N VAL A 106 21.67 -12.70 10.59
CA VAL A 106 21.33 -12.88 12.02
C VAL A 106 20.75 -11.60 12.62
N ASP A 107 21.23 -10.45 12.15
CA ASP A 107 20.76 -9.13 12.54
C ASP A 107 19.27 -8.97 12.22
N GLY A 108 18.89 -9.25 10.97
CA GLY A 108 17.51 -9.12 10.52
C GLY A 108 16.50 -10.01 11.23
N GLU A 109 16.93 -11.23 11.62
CA GLU A 109 16.07 -12.19 12.31
C GLU A 109 16.08 -12.02 13.85
N LEU A 110 16.27 -10.80 14.35
CA LEU A 110 16.28 -10.51 15.78
C LEU A 110 15.13 -9.62 16.17
N CYS A 111 14.53 -9.86 17.34
CA CYS A 111 13.40 -9.05 17.80
C CYS A 111 13.82 -7.99 18.85
N ALA A 112 12.97 -6.96 19.06
CA ALA A 112 13.24 -5.89 20.02
C ALA A 112 13.41 -6.43 21.44
N ARG A 113 12.71 -7.51 21.79
CA ARG A 113 12.86 -8.13 23.11
C ARG A 113 14.23 -8.78 23.23
N ASP A 114 14.74 -9.38 22.15
CA ASP A 114 16.04 -10.04 22.12
C ASP A 114 17.19 -9.05 22.10
N ILE A 115 17.00 -7.91 21.42
CA ILE A 115 18.02 -6.87 21.33
C ILE A 115 18.33 -6.32 22.71
N ARG A 116 17.28 -5.99 23.47
CA ARG A 116 17.45 -5.45 24.82
C ARG A 116 18.02 -6.50 25.76
N SER A 117 17.63 -7.77 25.60
CA SER A 117 18.12 -8.86 26.42
C SER A 117 19.60 -9.13 26.16
N LEU A 118 20.08 -8.91 24.93
CA LEU A 118 21.50 -9.08 24.60
C LEU A 118 22.36 -8.04 25.34
N ILE A 119 21.83 -6.82 25.54
CA ILE A 119 22.51 -5.74 26.24
C ILE A 119 22.67 -6.10 27.73
N PHE A 120 21.60 -6.61 28.37
CA PHE A 120 21.66 -7.02 29.78
C PHE A 120 22.44 -8.30 30.02
N LEU A 121 22.62 -9.13 28.98
CA LEU A 121 23.36 -10.38 29.09
C LEU A 121 24.86 -10.17 29.02
N SER A 122 25.37 -9.42 28.02
CA SER A 122 26.80 -9.18 27.90
C SER A 122 27.28 -8.04 28.80
N LYS A 123 27.16 -8.22 30.12
CA LYS A 123 27.60 -7.22 31.09
C LYS A 123 29.06 -7.51 31.46
N ASP A 124 29.90 -7.73 30.44
CA ASP A 124 31.32 -8.05 30.60
C ASP A 124 32.19 -6.97 30.00
N THR A 125 31.79 -6.43 28.82
CA THR A 125 32.51 -5.40 28.07
C THR A 125 33.96 -5.84 27.78
N SER A 130 30.73 -0.36 26.29
CA SER A 130 29.36 -0.89 26.20
C SER A 130 28.89 -1.04 24.73
N THR A 131 27.73 -1.72 24.50
CA THR A 131 27.12 -1.90 23.17
C THR A 131 25.74 -1.22 23.12
N PRO A 132 25.69 0.13 22.93
CA PRO A 132 24.40 0.84 22.93
C PRO A 132 23.39 0.52 21.82
N GLN A 133 22.46 -0.39 22.11
CA GLN A 133 21.33 -0.80 21.28
C GLN A 133 21.65 -1.26 19.84
N THR A 134 22.83 -1.91 19.62
CA THR A 134 23.12 -2.41 18.27
C THR A 134 23.65 -3.82 18.25
N PHE A 135 23.12 -4.67 17.37
CA PHE A 135 23.64 -6.02 17.24
C PHE A 135 25.01 -5.94 16.57
N LEU A 136 25.12 -5.19 15.48
CA LEU A 136 26.39 -5.01 14.78
C LEU A 136 27.44 -4.29 15.64
N HIS A 137 26.99 -3.51 16.63
CA HIS A 137 27.87 -2.84 17.59
C HIS A 137 28.48 -3.91 18.50
N TRP A 138 27.71 -4.92 18.91
CA TRP A 138 28.18 -6.02 19.75
C TRP A 138 29.17 -6.89 19.00
N VAL A 139 28.92 -7.13 17.70
CA VAL A 139 29.81 -7.92 16.84
C VAL A 139 31.16 -7.21 16.66
N TYR A 140 31.13 -5.88 16.54
CA TYR A 140 32.29 -5.00 16.41
C TYR A 140 33.15 -5.06 17.66
N CYS A 141 32.54 -5.25 18.85
CA CYS A 141 33.24 -5.40 20.13
C CYS A 141 34.04 -6.68 20.14
N MET A 142 33.45 -7.76 19.62
CA MET A 142 34.10 -9.07 19.54
C MET A 142 35.26 -9.08 18.55
N GLU A 143 35.20 -8.26 17.50
CA GLU A 143 36.27 -8.14 16.52
C GLU A 143 37.53 -7.55 17.17
N ASN A 144 37.35 -6.56 18.05
CA ASN A 144 38.45 -5.91 18.78
C ASN A 144 38.90 -6.79 19.96
N LEU A 145 37.94 -7.50 20.61
CA LEU A 145 38.19 -8.38 21.75
C LEU A 145 38.50 -9.85 21.37
N ASP A 146 38.83 -10.09 20.08
CA ASP A 146 39.25 -11.39 19.54
C ASP A 146 38.35 -12.56 19.96
N LEU A 147 37.03 -12.38 19.84
CA LEU A 147 36.06 -13.42 20.19
C LEU A 147 35.22 -13.87 18.98
N LEU A 148 35.02 -12.97 18.01
CA LEU A 148 34.29 -13.26 16.78
C LEU A 148 35.20 -13.00 15.59
N GLY A 149 35.16 -13.90 14.65
CA GLY A 149 35.94 -13.83 13.42
C GLY A 149 35.44 -14.83 12.40
N PRO A 150 35.97 -14.76 11.18
CA PRO A 150 35.55 -15.73 10.15
C PRO A 150 35.93 -17.17 10.52
N THR A 151 36.99 -17.33 11.33
CA THR A 151 37.48 -18.61 11.79
C THR A 151 36.68 -19.10 12.99
N ASP A 152 36.39 -18.21 13.94
CA ASP A 152 35.66 -18.60 15.14
C ASP A 152 34.34 -17.84 15.28
N VAL A 153 33.23 -18.57 15.32
CA VAL A 153 31.91 -17.98 15.54
C VAL A 153 31.18 -18.58 16.74
N ASP A 154 31.91 -19.27 17.64
CA ASP A 154 31.33 -19.91 18.82
C ASP A 154 30.90 -18.93 19.90
N ALA A 155 31.40 -17.69 19.87
CA ALA A 155 30.98 -16.67 20.83
C ALA A 155 29.54 -16.21 20.54
N LEU A 156 29.14 -16.24 19.26
CA LEU A 156 27.80 -15.89 18.76
C LEU A 156 26.84 -17.05 19.01
N MET A 157 27.30 -18.28 18.75
CA MET A 157 26.53 -19.51 18.93
C MET A 157 26.07 -19.71 20.36
N SER A 158 26.93 -19.37 21.32
CA SER A 158 26.57 -19.48 22.72
C SER A 158 25.59 -18.39 23.09
N MET A 159 25.85 -17.14 22.62
CA MET A 159 24.96 -16.01 22.87
C MET A 159 23.56 -16.23 22.27
N LEU A 160 23.46 -17.03 21.18
CA LEU A 160 22.19 -17.35 20.51
C LEU A 160 21.41 -18.37 21.33
N ARG A 161 22.09 -19.46 21.75
CA ARG A 161 21.47 -20.51 22.53
C ARG A 161 20.99 -19.95 23.87
N SER A 162 21.85 -19.15 24.54
CA SER A 162 21.55 -18.54 25.82
C SER A 162 20.73 -17.27 25.72
N LEU A 163 19.87 -17.16 24.70
CA LEU A 163 19.01 -16.01 24.54
C LEU A 163 17.56 -16.48 24.37
N SER A 164 17.27 -17.16 23.25
CA SER A 164 15.93 -17.65 22.91
C SER A 164 15.92 -18.17 21.48
N ARG A 165 16.68 -17.51 20.57
CA ARG A 165 16.72 -17.89 19.15
C ARG A 165 17.58 -19.13 18.86
N VAL A 166 17.17 -20.27 19.40
CA VAL A 166 17.82 -21.54 19.19
C VAL A 166 17.65 -22.05 17.73
N ASP A 167 16.62 -21.55 17.03
CA ASP A 167 16.35 -21.89 15.62
C ASP A 167 17.37 -21.26 14.67
N LEU A 168 18.02 -20.15 15.08
CA LEU A 168 19.01 -19.48 14.25
C LEU A 168 20.39 -20.17 14.27
N GLN A 169 20.61 -21.10 15.21
CA GLN A 169 21.87 -21.84 15.31
C GLN A 169 22.07 -22.82 14.14
N ARG A 170 20.99 -23.28 13.49
CA ARG A 170 21.10 -24.22 12.37
C ARG A 170 21.71 -23.55 11.12
N GLN A 171 21.18 -22.36 10.75
CA GLN A 171 21.70 -21.58 9.61
C GLN A 171 23.10 -21.04 9.90
N VAL A 172 23.34 -20.67 11.16
CA VAL A 172 24.63 -20.19 11.60
C VAL A 172 25.66 -21.32 11.50
N GLN A 173 25.33 -22.54 11.97
CA GLN A 173 26.23 -23.70 11.89
C GLN A 173 26.64 -24.05 10.46
N THR A 174 25.82 -23.64 9.49
CA THR A 174 26.02 -23.85 8.07
C THR A 174 26.94 -22.74 7.53
N LEU A 175 26.60 -21.49 7.84
CA LEU A 175 27.34 -20.35 7.34
C LEU A 175 28.16 -19.64 8.41
N TYR B 9 -21.00 6.76 -2.71
CA TYR B 9 -19.71 6.67 -2.03
C TYR B 9 -19.31 5.24 -1.77
N GLU B 10 -20.28 4.37 -1.46
CA GLU B 10 -20.04 2.96 -1.13
C GLU B 10 -19.20 2.24 -2.19
N VAL B 11 -19.45 2.55 -3.47
CA VAL B 11 -18.72 1.93 -4.57
C VAL B 11 -17.32 2.49 -4.64
N LEU B 12 -17.17 3.81 -4.52
CA LEU B 12 -15.88 4.50 -4.56
C LEU B 12 -14.85 3.93 -3.58
N CYS B 13 -15.32 3.43 -2.43
CA CYS B 13 -14.43 2.85 -1.43
C CYS B 13 -13.85 1.54 -1.96
N GLU B 14 -14.74 0.68 -2.47
CA GLU B 14 -14.39 -0.62 -3.04
C GLU B 14 -13.56 -0.50 -4.33
N VAL B 15 -13.70 0.63 -5.04
CA VAL B 15 -12.95 0.90 -6.27
C VAL B 15 -11.52 1.32 -5.92
N ALA B 16 -11.37 2.14 -4.87
CA ALA B 16 -10.08 2.64 -4.41
C ALA B 16 -9.16 1.53 -3.92
N GLU B 17 -9.71 0.49 -3.30
CA GLU B 17 -8.93 -0.65 -2.82
C GLU B 17 -8.45 -1.50 -4.00
N LYS B 18 -9.35 -1.71 -5.00
CA LYS B 18 -9.18 -2.51 -6.22
C LYS B 18 -8.12 -2.02 -7.20
N LEU B 19 -8.07 -0.71 -7.44
CA LEU B 19 -7.09 -0.13 -8.35
C LEU B 19 -5.67 -0.32 -7.78
N GLY B 20 -4.69 -0.54 -8.65
CA GLY B 20 -3.30 -0.66 -8.22
C GLY B 20 -2.62 0.70 -8.15
N THR B 21 -1.28 0.74 -8.26
CA THR B 21 -0.56 2.04 -8.28
C THR B 21 -0.64 2.63 -9.68
N ASP B 22 -0.40 1.77 -10.67
CA ASP B 22 -0.44 2.10 -12.09
C ASP B 22 -1.89 2.33 -12.62
N ASP B 23 -2.90 2.33 -11.70
CA ASP B 23 -4.32 2.55 -12.00
C ASP B 23 -4.95 3.61 -11.07
N ARG B 24 -4.28 3.95 -9.95
CA ARG B 24 -4.77 4.98 -9.06
C ARG B 24 -4.41 6.33 -9.69
N GLU B 25 -3.15 6.47 -10.17
CA GLU B 25 -2.64 7.69 -10.81
C GLU B 25 -3.40 8.10 -12.07
N VAL B 26 -3.70 7.14 -12.95
CA VAL B 26 -4.40 7.40 -14.20
C VAL B 26 -5.76 8.04 -13.96
N VAL B 27 -6.53 7.48 -13.03
CA VAL B 27 -7.86 7.97 -12.72
C VAL B 27 -7.81 9.37 -12.09
N LEU B 28 -6.88 9.65 -11.14
CA LEU B 28 -6.77 11.00 -10.56
C LEU B 28 -6.47 12.05 -11.63
N PHE B 29 -5.73 11.67 -12.69
CA PHE B 29 -5.41 12.59 -13.77
C PHE B 29 -6.66 12.96 -14.55
N LEU B 30 -7.46 11.96 -14.95
CA LEU B 30 -8.66 12.23 -15.72
C LEU B 30 -9.74 12.96 -14.94
N LEU B 31 -9.70 12.86 -13.61
CA LEU B 31 -10.62 13.60 -12.77
C LEU B 31 -10.10 15.02 -12.42
N ASN B 32 -9.02 15.49 -13.08
CA ASN B 32 -8.39 16.81 -12.88
C ASN B 32 -7.60 16.92 -11.56
N VAL B 33 -8.19 16.47 -10.42
CA VAL B 33 -7.55 16.50 -9.11
C VAL B 33 -6.42 15.48 -9.12
N PHE B 34 -5.16 15.94 -9.23
CA PHE B 34 -4.04 15.02 -9.29
C PHE B 34 -3.11 15.09 -8.09
N ILE B 35 -2.72 13.88 -7.65
CA ILE B 35 -1.84 13.64 -6.52
C ILE B 35 -0.86 12.50 -6.91
N PRO B 36 0.42 12.81 -7.09
CA PRO B 36 1.39 11.77 -7.51
C PRO B 36 1.68 10.74 -6.43
N GLN B 37 1.72 9.45 -6.84
CA GLN B 37 1.96 8.26 -5.98
C GLN B 37 1.05 8.31 -4.75
N PRO B 38 -0.26 8.09 -4.93
CA PRO B 38 -1.20 8.26 -3.81
C PRO B 38 -1.54 7.02 -2.98
N THR B 39 -1.75 7.24 -1.68
CA THR B 39 -2.14 6.18 -0.77
C THR B 39 -3.68 5.99 -0.80
N LEU B 40 -4.21 5.00 -0.05
CA LEU B 40 -5.66 4.77 0.00
C LEU B 40 -6.38 5.99 0.56
N ALA B 41 -5.78 6.66 1.54
CA ALA B 41 -6.33 7.87 2.17
C ALA B 41 -6.32 9.04 1.17
N GLN B 42 -5.23 9.18 0.40
CA GLN B 42 -5.08 10.24 -0.58
C GLN B 42 -6.04 10.07 -1.74
N LEU B 43 -6.27 8.82 -2.16
CA LEU B 43 -7.16 8.53 -3.27
C LEU B 43 -8.61 8.78 -2.89
N ILE B 44 -9.06 8.23 -1.76
CA ILE B 44 -10.43 8.45 -1.31
C ILE B 44 -10.67 9.90 -0.95
N GLY B 45 -9.67 10.56 -0.36
CA GLY B 45 -9.74 11.96 0.01
C GLY B 45 -10.05 12.91 -1.11
N ALA B 46 -9.52 12.60 -2.30
CA ALA B 46 -9.78 13.43 -3.47
C ALA B 46 -11.13 13.07 -4.08
N LEU B 47 -11.47 11.78 -4.10
CA LEU B 47 -12.73 11.27 -4.64
C LEU B 47 -13.94 11.78 -3.86
N ARG B 48 -13.84 11.82 -2.53
CA ARG B 48 -14.91 12.30 -1.66
C ARG B 48 -15.21 13.79 -1.94
N ALA B 49 -14.16 14.57 -2.22
CA ALA B 49 -14.27 15.99 -2.54
C ALA B 49 -14.94 16.24 -3.90
N LEU B 50 -14.87 15.27 -4.82
CA LEU B 50 -15.50 15.37 -6.12
C LEU B 50 -16.95 14.91 -6.08
N LYS B 51 -17.27 13.91 -5.26
CA LYS B 51 -18.64 13.45 -5.10
C LYS B 51 -19.45 14.46 -4.26
N GLU B 52 -18.77 15.22 -3.36
CA GLU B 52 -19.33 16.27 -2.50
C GLU B 52 -19.57 17.59 -3.26
N GLU B 53 -18.88 17.79 -4.40
CA GLU B 53 -19.02 18.98 -5.26
C GLU B 53 -19.95 18.68 -6.45
N GLY B 54 -19.82 17.48 -7.01
CA GLY B 54 -20.56 16.99 -8.17
C GLY B 54 -19.74 16.15 -9.14
N ARG B 55 -19.95 14.79 -9.14
CA ARG B 55 -19.26 13.83 -10.03
C ARG B 55 -20.21 12.73 -10.55
N PRO B 59 -21.51 7.75 -12.64
CA PRO B 59 -22.05 8.26 -13.91
C PRO B 59 -20.91 8.64 -14.83
N LEU B 60 -20.09 9.59 -14.40
CA LEU B 60 -18.88 10.02 -15.08
C LEU B 60 -17.90 8.88 -14.92
N LEU B 61 -17.80 8.33 -13.69
CA LEU B 61 -16.99 7.21 -13.23
C LEU B 61 -17.01 6.07 -14.22
N ALA B 62 -18.13 5.85 -14.91
CA ALA B 62 -18.27 4.79 -15.92
C ALA B 62 -17.26 4.99 -17.06
N GLU B 63 -17.13 6.21 -17.58
CA GLU B 63 -16.16 6.52 -18.62
C GLU B 63 -14.74 6.52 -18.04
N CYS B 64 -14.56 6.94 -16.77
CA CYS B 64 -13.28 6.97 -16.08
C CYS B 64 -12.64 5.60 -15.97
N LEU B 65 -13.43 4.52 -15.80
CA LEU B 65 -12.89 3.14 -15.69
C LEU B 65 -12.71 2.47 -17.05
N PHE B 66 -13.58 2.80 -17.99
CA PHE B 66 -13.51 2.27 -19.33
C PHE B 66 -12.30 2.85 -20.07
N ARG B 67 -11.97 4.14 -19.82
CA ARG B 67 -10.83 4.85 -20.43
C ARG B 67 -9.51 4.54 -19.70
N ALA B 68 -9.57 4.19 -18.41
CA ALA B 68 -8.37 3.83 -17.66
C ALA B 68 -7.88 2.42 -18.00
N GLY B 69 -8.76 1.54 -18.44
CA GLY B 69 -8.40 0.18 -18.80
C GLY B 69 -8.77 -0.82 -17.74
N ARG B 70 -9.87 -0.57 -17.03
CA ARG B 70 -10.35 -1.46 -15.98
C ARG B 70 -11.78 -1.87 -16.25
N ARG B 71 -12.00 -2.51 -17.39
CA ARG B 71 -13.32 -2.97 -17.78
C ARG B 71 -13.92 -4.04 -16.85
N ASP B 72 -13.08 -4.67 -16.00
CA ASP B 72 -13.54 -5.70 -15.08
C ASP B 72 -14.46 -5.09 -14.02
N LEU B 73 -14.10 -3.90 -13.52
CA LEU B 73 -14.82 -3.15 -12.49
C LEU B 73 -16.20 -2.65 -12.90
N LEU B 74 -16.44 -2.45 -14.20
CA LEU B 74 -17.74 -1.99 -14.70
C LEU B 74 -18.81 -3.12 -14.78
N ARG B 75 -18.39 -4.36 -14.48
CA ARG B 75 -19.18 -5.58 -14.38
C ARG B 75 -19.18 -6.11 -12.90
N ASP B 76 -18.27 -5.57 -12.03
CA ASP B 76 -18.07 -5.91 -10.61
C ASP B 76 -18.78 -4.91 -9.71
N LEU B 77 -18.60 -3.60 -9.94
CA LEU B 77 -19.25 -2.59 -9.11
C LEU B 77 -20.13 -1.59 -9.90
N LEU B 78 -20.19 -1.72 -11.22
CA LEU B 78 -21.10 -0.93 -12.03
C LEU B 78 -22.31 -1.77 -12.49
N HIS B 79 -22.14 -3.12 -12.52
CA HIS B 79 -23.14 -4.13 -12.85
C HIS B 79 -23.83 -3.94 -14.22
N LEU B 80 -23.09 -3.42 -15.21
CA LEU B 80 -23.63 -3.24 -16.56
C LEU B 80 -22.91 -4.19 -17.57
N ASP B 81 -23.49 -4.41 -18.79
CA ASP B 81 -22.86 -5.26 -19.82
C ASP B 81 -21.68 -4.49 -20.43
N PRO B 82 -20.43 -5.01 -20.35
CA PRO B 82 -19.28 -4.26 -20.91
C PRO B 82 -19.32 -4.12 -22.44
N ARG B 83 -20.04 -5.01 -23.12
CA ARG B 83 -20.23 -4.98 -24.55
C ARG B 83 -21.17 -3.82 -24.89
N PHE B 84 -22.26 -3.62 -24.10
CA PHE B 84 -23.16 -2.48 -24.33
C PHE B 84 -22.47 -1.16 -23.96
N LEU B 85 -21.65 -1.15 -22.90
CA LEU B 85 -20.92 0.05 -22.47
C LEU B 85 -19.85 0.45 -23.50
N GLU B 86 -19.24 -0.53 -24.15
CA GLU B 86 -18.24 -0.32 -25.19
C GLU B 86 -18.96 0.28 -26.42
N ARG B 87 -20.09 -0.32 -26.85
CA ARG B 87 -20.92 0.17 -27.97
C ARG B 87 -21.59 1.51 -27.65
N HIS B 88 -21.89 1.75 -26.37
CA HIS B 88 -22.54 2.96 -25.93
C HIS B 88 -21.62 4.18 -25.95
N LEU B 89 -20.32 4.04 -25.59
CA LEU B 89 -19.42 5.21 -25.62
C LEU B 89 -18.95 5.64 -27.02
N ALA B 90 -19.29 4.84 -28.04
CA ALA B 90 -19.00 5.15 -29.43
C ALA B 90 -20.02 6.21 -29.91
N GLY B 91 -21.29 6.02 -29.55
CA GLY B 91 -22.36 6.95 -29.91
C GLY B 91 -22.78 7.84 -28.76
N THR B 92 -21.82 8.16 -27.87
CA THR B 92 -21.99 9.04 -26.72
C THR B 92 -20.68 9.79 -26.45
N MET B 93 -20.77 11.13 -26.45
CA MET B 93 -19.67 12.07 -26.30
C MET B 93 -18.84 11.85 -25.03
N SER B 94 -17.52 12.05 -25.12
CA SER B 94 -16.59 11.88 -24.00
C SER B 94 -16.56 13.06 -23.03
N TYR B 95 -16.66 12.76 -21.73
CA TYR B 95 -16.59 13.75 -20.66
C TYR B 95 -15.24 14.46 -20.61
N PHE B 96 -14.16 13.75 -21.00
CA PHE B 96 -12.80 14.25 -20.93
C PHE B 96 -12.35 14.99 -22.19
N SER B 97 -11.35 15.86 -22.01
CA SER B 97 -10.80 16.69 -23.09
C SER B 97 -9.86 15.88 -23.99
N PRO B 98 -9.69 16.28 -25.28
CA PRO B 98 -8.74 15.58 -26.15
C PRO B 98 -7.29 15.75 -25.68
N TYR B 99 -7.03 16.69 -24.75
CA TYR B 99 -5.70 16.85 -24.19
C TYR B 99 -5.51 15.75 -23.12
N GLN B 100 -6.51 15.54 -22.23
CA GLN B 100 -6.44 14.51 -21.19
C GLN B 100 -6.36 13.11 -21.81
N LEU B 101 -7.10 12.89 -22.91
CA LEU B 101 -7.12 11.61 -23.61
C LEU B 101 -5.79 11.34 -24.34
N THR B 102 -5.12 12.40 -24.87
CA THR B 102 -3.84 12.26 -25.58
C THR B 102 -2.74 11.88 -24.62
N VAL B 103 -2.68 12.54 -23.46
CA VAL B 103 -1.67 12.28 -22.42
C VAL B 103 -1.76 10.83 -21.91
N LEU B 104 -2.98 10.37 -21.66
CA LEU B 104 -3.24 9.00 -21.21
C LEU B 104 -2.82 7.98 -22.27
N HIS B 105 -3.04 8.27 -23.55
CA HIS B 105 -2.62 7.37 -24.62
C HIS B 105 -1.09 7.33 -24.74
N VAL B 106 -0.44 8.51 -24.73
CA VAL B 106 1.04 8.60 -24.79
C VAL B 106 1.68 7.80 -23.65
N ASP B 107 1.01 7.78 -22.49
CA ASP B 107 1.43 7.05 -21.32
C ASP B 107 1.51 5.54 -21.63
N GLY B 108 0.43 4.98 -22.18
CA GLY B 108 0.36 3.56 -22.49
C GLY B 108 1.37 3.07 -23.52
N GLU B 109 1.72 3.94 -24.49
CA GLU B 109 2.67 3.59 -25.54
C GLU B 109 4.13 3.90 -25.17
N LEU B 110 4.47 3.82 -23.87
CA LEU B 110 5.84 4.07 -23.39
C LEU B 110 6.44 2.81 -22.78
N CYS B 111 7.73 2.59 -23.00
CA CYS B 111 8.41 1.41 -22.45
C CYS B 111 9.22 1.72 -21.20
N ALA B 112 9.57 0.69 -20.41
CA ALA B 112 10.36 0.83 -19.19
C ALA B 112 11.72 1.48 -19.45
N ARG B 113 12.32 1.26 -20.64
CA ARG B 113 13.59 1.88 -20.99
C ARG B 113 13.41 3.39 -21.22
N ASP B 114 12.27 3.79 -21.80
CA ASP B 114 11.93 5.19 -22.08
C ASP B 114 11.53 5.95 -20.81
N ILE B 115 10.85 5.27 -19.88
CA ILE B 115 10.43 5.87 -18.62
C ILE B 115 11.64 6.31 -17.80
N ARG B 116 12.64 5.42 -17.68
CA ARG B 116 13.86 5.70 -16.95
C ARG B 116 14.68 6.79 -17.65
N SER B 117 14.70 6.79 -18.97
CA SER B 117 15.43 7.78 -19.75
C SER B 117 14.81 9.17 -19.61
N LEU B 118 13.48 9.25 -19.45
CA LEU B 118 12.81 10.53 -19.26
C LEU B 118 13.23 11.17 -17.90
N ILE B 119 13.48 10.34 -16.88
CA ILE B 119 13.92 10.78 -15.56
C ILE B 119 15.31 11.43 -15.63
N PHE B 120 16.25 10.74 -16.31
CA PHE B 120 17.62 11.26 -16.47
C PHE B 120 17.71 12.44 -17.42
N LEU B 121 16.72 12.62 -18.32
CA LEU B 121 16.70 13.72 -19.27
C LEU B 121 16.21 15.04 -18.64
N SER B 122 15.06 15.01 -17.93
CA SER B 122 14.54 16.24 -17.32
C SER B 122 15.19 16.54 -15.98
N LYS B 123 16.50 16.82 -16.00
CA LYS B 123 17.22 17.14 -14.77
C LYS B 123 17.16 18.64 -14.49
N THR B 131 10.37 14.15 -10.40
CA THR B 131 9.45 13.21 -11.03
C THR B 131 10.08 11.83 -11.26
N PRO B 132 9.83 10.85 -10.37
CA PRO B 132 10.39 9.51 -10.60
C PRO B 132 9.60 8.81 -11.72
N GLN B 133 9.06 7.60 -11.53
CA GLN B 133 8.30 6.92 -12.57
C GLN B 133 6.94 7.63 -12.83
N THR B 134 6.00 6.98 -13.56
CA THR B 134 4.72 7.55 -13.97
C THR B 134 4.94 8.80 -14.77
N PHE B 135 4.78 8.67 -16.08
CA PHE B 135 4.89 9.77 -17.02
C PHE B 135 3.95 10.92 -16.66
N LEU B 136 2.79 10.59 -16.03
CA LEU B 136 1.77 11.52 -15.56
C LEU B 136 2.30 12.46 -14.47
N HIS B 137 3.34 12.05 -13.73
CA HIS B 137 3.98 12.86 -12.72
C HIS B 137 4.76 13.99 -13.43
N TRP B 138 5.42 13.68 -14.56
CA TRP B 138 6.16 14.65 -15.34
C TRP B 138 5.22 15.66 -16.01
N VAL B 139 4.05 15.20 -16.47
CA VAL B 139 3.04 16.05 -17.10
C VAL B 139 2.45 17.04 -16.06
N TYR B 140 2.28 16.56 -14.81
CA TYR B 140 1.80 17.34 -13.68
C TYR B 140 2.79 18.48 -13.35
N CYS B 141 4.10 18.25 -13.55
CA CYS B 141 5.15 19.25 -13.34
C CYS B 141 5.03 20.36 -14.35
N MET B 142 4.74 20.01 -15.59
CA MET B 142 4.57 20.97 -16.66
C MET B 142 3.31 21.82 -16.49
N GLU B 143 2.27 21.28 -15.85
CA GLU B 143 1.03 22.01 -15.57
C GLU B 143 1.31 23.17 -14.60
N ASN B 144 2.17 22.92 -13.59
CA ASN B 144 2.57 23.91 -12.60
C ASN B 144 3.63 24.84 -13.17
N LEU B 145 4.53 24.32 -14.04
CA LEU B 145 5.61 25.08 -14.67
C LEU B 145 5.23 25.72 -16.02
N ASP B 146 3.92 25.79 -16.32
CA ASP B 146 3.36 26.42 -17.50
C ASP B 146 4.06 26.03 -18.81
N LEU B 147 4.25 24.73 -19.01
CA LEU B 147 4.89 24.23 -20.22
C LEU B 147 3.96 23.29 -21.02
N LEU B 148 3.03 22.61 -20.33
CA LEU B 148 2.05 21.72 -20.95
C LEU B 148 0.65 22.20 -20.59
N GLY B 149 -0.21 22.21 -21.59
CA GLY B 149 -1.59 22.62 -21.48
C GLY B 149 -2.38 22.20 -22.70
N PRO B 150 -3.71 22.38 -22.65
CA PRO B 150 -4.54 22.01 -23.82
C PRO B 150 -4.22 22.85 -25.07
N THR B 151 -3.71 24.06 -24.84
CA THR B 151 -3.36 24.98 -25.90
C THR B 151 -1.96 24.68 -26.43
N ASP B 152 -1.02 24.41 -25.52
CA ASP B 152 0.37 24.16 -25.91
C ASP B 152 0.84 22.76 -25.51
N VAL B 153 1.24 21.96 -26.49
CA VAL B 153 1.78 20.63 -26.25
C VAL B 153 3.17 20.44 -26.90
N ASP B 154 3.88 21.55 -27.23
CA ASP B 154 5.20 21.51 -27.84
C ASP B 154 6.32 21.11 -26.88
N ALA B 155 6.07 21.17 -25.56
CA ALA B 155 7.05 20.73 -24.56
C ALA B 155 7.14 19.19 -24.55
N LEU B 156 6.02 18.52 -24.86
CA LEU B 156 5.91 17.06 -24.95
C LEU B 156 6.49 16.58 -26.29
N MET B 157 6.20 17.31 -27.38
CA MET B 157 6.67 17.01 -28.73
C MET B 157 8.18 16.99 -28.82
N SER B 158 8.84 17.91 -28.12
CA SER B 158 10.30 17.96 -28.12
C SER B 158 10.85 16.81 -27.28
N MET B 159 10.24 16.56 -26.10
CA MET B 159 10.66 15.47 -25.24
C MET B 159 10.47 14.10 -25.90
N LEU B 160 9.51 13.98 -26.84
CA LEU B 160 9.23 12.75 -27.58
C LEU B 160 10.30 12.52 -28.65
N ARG B 161 10.61 13.57 -29.43
CA ARG B 161 11.61 13.50 -30.48
C ARG B 161 12.98 13.21 -29.89
N SER B 162 13.31 13.91 -28.81
CA SER B 162 14.58 13.77 -28.11
C SER B 162 14.62 12.61 -27.13
N LEU B 163 13.86 11.55 -27.41
CA LEU B 163 13.87 10.37 -26.55
C LEU B 163 14.11 9.13 -27.40
N SER B 164 13.17 8.79 -28.30
CA SER B 164 13.22 7.63 -29.17
C SER B 164 11.90 7.45 -29.90
N ARG B 165 10.78 7.72 -29.20
CA ARG B 165 9.44 7.53 -29.77
C ARG B 165 9.02 8.63 -30.76
N VAL B 166 9.74 8.72 -31.87
CA VAL B 166 9.45 9.66 -32.95
C VAL B 166 8.14 9.31 -33.69
N ASP B 167 7.69 8.04 -33.61
CA ASP B 167 6.44 7.56 -34.20
C ASP B 167 5.20 8.09 -33.46
N LEU B 168 5.36 8.46 -32.17
CA LEU B 168 4.24 8.99 -31.37
C LEU B 168 3.93 10.47 -31.64
N GLN B 169 4.84 11.18 -32.32
CA GLN B 169 4.64 12.58 -32.66
C GLN B 169 3.53 12.79 -33.71
N ARG B 170 3.23 11.76 -34.53
CA ARG B 170 2.17 11.87 -35.56
C ARG B 170 0.76 11.93 -34.93
N GLN B 171 0.47 11.00 -33.99
CA GLN B 171 -0.81 10.98 -33.29
C GLN B 171 -0.94 12.18 -32.36
N VAL B 172 0.17 12.62 -31.76
CA VAL B 172 0.20 13.78 -30.90
C VAL B 172 -0.12 15.04 -31.72
N GLN B 173 0.52 15.20 -32.88
CA GLN B 173 0.27 16.35 -33.77
C GLN B 173 -1.19 16.48 -34.21
N THR B 174 -1.92 15.38 -34.14
CA THR B 174 -3.32 15.30 -34.51
C THR B 174 -4.17 15.67 -33.28
N LEU B 175 -3.86 15.06 -32.15
CA LEU B 175 -4.64 15.27 -30.94
C LEU B 175 -3.87 16.07 -29.90
N SER C 5 -27.90 -36.95 4.28
CA SER C 5 -26.91 -36.44 3.33
C SER C 5 -26.31 -35.12 3.81
N MET C 6 -25.00 -34.86 3.57
CA MET C 6 -24.31 -33.63 4.03
C MET C 6 -23.33 -33.04 3.00
N ALA C 7 -23.23 -31.70 2.98
CA ALA C 7 -22.35 -30.97 2.06
C ALA C 7 -20.89 -30.93 2.50
N THR C 8 -20.03 -31.66 1.76
CA THR C 8 -18.58 -31.79 2.00
C THR C 8 -17.89 -30.42 1.96
N TYR C 9 -16.91 -30.19 2.85
CA TYR C 9 -16.18 -28.93 2.91
C TYR C 9 -15.34 -28.71 1.66
N GLU C 10 -14.78 -29.79 1.09
CA GLU C 10 -13.95 -29.72 -0.11
C GLU C 10 -14.76 -29.37 -1.36
N VAL C 11 -16.00 -29.86 -1.44
CA VAL C 11 -16.87 -29.56 -2.57
C VAL C 11 -17.30 -28.09 -2.54
N LEU C 12 -17.62 -27.60 -1.34
CA LEU C 12 -18.05 -26.23 -1.07
C LEU C 12 -17.08 -25.16 -1.58
N CYS C 13 -15.77 -25.46 -1.58
CA CYS C 13 -14.77 -24.52 -2.06
C CYS C 13 -14.76 -24.48 -3.60
N GLU C 14 -14.97 -25.65 -4.24
CA GLU C 14 -15.02 -25.78 -5.70
C GLU C 14 -16.27 -25.11 -6.31
N VAL C 15 -17.35 -24.99 -5.53
CA VAL C 15 -18.58 -24.31 -5.92
C VAL C 15 -18.38 -22.78 -5.89
N ALA C 16 -17.66 -22.29 -4.86
CA ALA C 16 -17.37 -20.88 -4.64
C ALA C 16 -16.40 -20.25 -5.65
N GLU C 17 -15.50 -21.06 -6.22
CA GLU C 17 -14.57 -20.59 -7.22
C GLU C 17 -15.34 -20.34 -8.51
N LYS C 18 -16.18 -21.30 -8.93
CA LYS C 18 -16.98 -21.24 -10.14
C LYS C 18 -18.32 -20.46 -10.02
N LEU C 19 -18.36 -19.43 -9.16
CA LEU C 19 -19.57 -18.63 -9.00
C LEU C 19 -19.28 -17.16 -9.31
N GLY C 20 -19.90 -16.67 -10.39
CA GLY C 20 -19.76 -15.28 -10.83
C GLY C 20 -20.33 -14.30 -9.82
N THR C 21 -19.88 -13.03 -9.85
CA THR C 21 -20.29 -12.00 -8.87
C THR C 21 -21.83 -11.81 -8.70
N ASP C 22 -22.58 -12.00 -9.80
CA ASP C 22 -24.03 -11.88 -9.81
C ASP C 22 -24.70 -13.10 -9.16
N ASP C 23 -24.11 -14.30 -9.38
CA ASP C 23 -24.56 -15.62 -8.88
C ASP C 23 -24.41 -15.71 -7.37
N ARG C 24 -23.34 -15.13 -6.85
CA ARG C 24 -22.97 -15.09 -5.45
C ARG C 24 -24.12 -14.65 -4.53
N GLU C 25 -24.74 -13.48 -4.81
CA GLU C 25 -25.86 -12.95 -4.01
C GLU C 25 -27.14 -13.76 -4.11
N VAL C 26 -27.32 -14.45 -5.23
CA VAL C 26 -28.49 -15.27 -5.42
C VAL C 26 -28.45 -16.48 -4.47
N VAL C 27 -27.32 -17.22 -4.46
CA VAL C 27 -27.08 -18.39 -3.60
C VAL C 27 -27.19 -18.04 -2.13
N LEU C 28 -26.46 -17.00 -1.68
CA LEU C 28 -26.49 -16.53 -0.31
C LEU C 28 -27.91 -16.16 0.16
N PHE C 29 -28.76 -15.65 -0.75
CA PHE C 29 -30.13 -15.30 -0.40
C PHE C 29 -30.96 -16.56 -0.09
N LEU C 30 -30.87 -17.59 -0.94
CA LEU C 30 -31.61 -18.84 -0.73
C LEU C 30 -31.17 -19.56 0.56
N LEU C 31 -29.90 -19.38 0.95
CA LEU C 31 -29.37 -19.99 2.16
C LEU C 31 -29.64 -19.14 3.44
N ASN C 32 -30.49 -18.08 3.34
CA ASN C 32 -30.85 -17.15 4.42
C ASN C 32 -29.73 -16.18 4.81
N VAL C 33 -28.48 -16.68 4.98
CA VAL C 33 -27.30 -15.88 5.33
C VAL C 33 -26.97 -15.01 4.16
N PHE C 34 -27.38 -13.73 4.22
CA PHE C 34 -27.14 -12.81 3.11
C PHE C 34 -26.01 -11.84 3.39
N ILE C 35 -25.16 -11.64 2.38
CA ILE C 35 -24.03 -10.73 2.39
C ILE C 35 -24.01 -9.98 1.05
N PRO C 36 -24.35 -8.68 1.04
CA PRO C 36 -24.36 -7.94 -0.23
C PRO C 36 -22.97 -7.70 -0.83
N GLN C 37 -22.86 -7.93 -2.16
CA GLN C 37 -21.67 -7.80 -3.01
C GLN C 37 -20.50 -8.54 -2.38
N PRO C 38 -20.46 -9.87 -2.53
CA PRO C 38 -19.47 -10.64 -1.79
C PRO C 38 -18.19 -11.04 -2.51
N THR C 39 -17.07 -11.11 -1.73
CA THR C 39 -15.76 -11.56 -2.22
C THR C 39 -15.65 -13.10 -2.06
N LEU C 40 -14.56 -13.73 -2.56
CA LEU C 40 -14.38 -15.18 -2.41
C LEU C 40 -14.30 -15.58 -0.93
N ALA C 41 -13.68 -14.72 -0.10
CA ALA C 41 -13.56 -14.94 1.33
C ALA C 41 -14.92 -14.82 2.02
N GLN C 42 -15.74 -13.84 1.59
CA GLN C 42 -17.07 -13.63 2.15
C GLN C 42 -18.03 -14.75 1.79
N LEU C 43 -17.92 -15.28 0.57
CA LEU C 43 -18.79 -16.36 0.12
C LEU C 43 -18.47 -17.67 0.86
N ILE C 44 -17.18 -18.05 0.89
CA ILE C 44 -16.79 -19.27 1.58
C ILE C 44 -17.03 -19.13 3.08
N GLY C 45 -16.79 -17.94 3.63
CA GLY C 45 -17.00 -17.63 5.04
C GLY C 45 -18.41 -17.84 5.54
N ALA C 46 -19.41 -17.61 4.68
CA ALA C 46 -20.80 -17.86 5.08
C ALA C 46 -21.13 -19.33 4.90
N LEU C 47 -20.61 -19.97 3.84
CA LEU C 47 -20.81 -21.39 3.54
C LEU C 47 -20.22 -22.29 4.63
N ARG C 48 -19.02 -21.96 5.11
CA ARG C 48 -18.32 -22.70 6.16
C ARG C 48 -19.12 -22.64 7.47
N ALA C 49 -19.77 -21.50 7.76
CA ALA C 49 -20.60 -21.30 8.94
C ALA C 49 -21.91 -22.10 8.89
N LEU C 50 -22.37 -22.47 7.69
CA LEU C 50 -23.58 -23.27 7.55
C LEU C 50 -23.24 -24.76 7.64
N LYS C 51 -22.08 -25.18 7.11
CA LYS C 51 -21.65 -26.58 7.20
C LYS C 51 -21.15 -26.90 8.62
N GLU C 52 -20.65 -25.88 9.37
CA GLU C 52 -20.18 -25.96 10.77
C GLU C 52 -21.34 -25.97 11.78
N GLU C 53 -22.51 -25.44 11.39
CA GLU C 53 -23.73 -25.41 12.20
C GLU C 53 -24.62 -26.67 11.94
N GLY C 54 -24.50 -27.24 10.74
CA GLY C 54 -25.26 -28.43 10.36
C GLY C 54 -26.36 -28.18 9.35
N ARG C 55 -26.79 -26.93 9.23
CA ARG C 55 -27.86 -26.55 8.35
C ARG C 55 -27.57 -26.78 6.86
N LEU C 56 -26.28 -26.84 6.45
CA LEU C 56 -25.95 -27.05 5.03
C LEU C 56 -25.92 -28.53 4.61
N THR C 57 -27.09 -29.10 4.30
CA THR C 57 -27.21 -30.49 3.85
C THR C 57 -26.97 -30.59 2.34
N PHE C 58 -26.68 -31.80 1.85
CA PHE C 58 -26.44 -32.01 0.43
C PHE C 58 -27.63 -31.64 -0.48
N PRO C 59 -28.89 -32.06 -0.19
CA PRO C 59 -30.00 -31.67 -1.08
C PRO C 59 -30.40 -30.20 -0.99
N LEU C 60 -29.97 -29.51 0.06
CA LEU C 60 -30.21 -28.08 0.20
C LEU C 60 -29.28 -27.36 -0.78
N LEU C 61 -28.03 -27.84 -0.95
CA LEU C 61 -27.08 -27.27 -1.89
C LEU C 61 -27.39 -27.70 -3.31
N ALA C 62 -27.82 -28.95 -3.52
CA ALA C 62 -28.17 -29.43 -4.86
C ALA C 62 -29.36 -28.65 -5.44
N GLU C 63 -30.38 -28.38 -4.61
CA GLU C 63 -31.53 -27.59 -5.01
C GLU C 63 -31.11 -26.12 -5.16
N CYS C 64 -30.25 -25.62 -4.26
CA CYS C 64 -29.74 -24.26 -4.29
C CYS C 64 -29.07 -23.90 -5.59
N LEU C 65 -28.40 -24.86 -6.25
CA LEU C 65 -27.75 -24.59 -7.52
C LEU C 65 -28.70 -24.76 -8.71
N PHE C 66 -29.71 -25.65 -8.58
CA PHE C 66 -30.74 -25.90 -9.58
C PHE C 66 -31.69 -24.71 -9.68
N ARG C 67 -32.01 -24.07 -8.53
CA ARG C 67 -32.90 -22.90 -8.48
C ARG C 67 -32.17 -21.61 -8.85
N ALA C 68 -30.84 -21.54 -8.61
CA ALA C 68 -30.04 -20.36 -8.94
C ALA C 68 -29.78 -20.21 -10.45
N GLY C 69 -29.79 -21.32 -11.17
CA GLY C 69 -29.56 -21.32 -12.61
C GLY C 69 -28.18 -21.77 -12.99
N ARG C 70 -27.63 -22.70 -12.21
CA ARG C 70 -26.31 -23.24 -12.47
C ARG C 70 -26.38 -24.75 -12.55
N ARG C 71 -27.17 -25.26 -13.50
CA ARG C 71 -27.31 -26.71 -13.67
C ARG C 71 -26.02 -27.40 -14.15
N ASP C 72 -25.00 -26.62 -14.55
CA ASP C 72 -23.72 -27.17 -14.99
C ASP C 72 -22.96 -27.78 -13.83
N LEU C 73 -22.90 -27.06 -12.69
CA LEU C 73 -22.21 -27.53 -11.48
C LEU C 73 -22.83 -28.78 -10.86
N LEU C 74 -24.14 -29.05 -11.13
CA LEU C 74 -24.90 -30.20 -10.64
C LEU C 74 -24.21 -31.52 -10.99
N ARG C 75 -23.60 -31.59 -12.17
CA ARG C 75 -22.89 -32.77 -12.61
C ARG C 75 -21.38 -32.64 -12.42
N ASP C 76 -20.85 -31.41 -12.58
CA ASP C 76 -19.41 -31.13 -12.49
C ASP C 76 -18.82 -31.49 -11.13
N LEU C 77 -19.48 -31.05 -10.05
CA LEU C 77 -18.97 -31.24 -8.70
C LEU C 77 -19.78 -32.22 -7.88
N LEU C 78 -21.11 -32.06 -7.91
CA LEU C 78 -22.00 -32.94 -7.15
C LEU C 78 -22.19 -34.33 -7.81
N HIS C 79 -21.88 -34.42 -9.12
CA HIS C 79 -21.96 -35.62 -9.94
C HIS C 79 -23.36 -36.19 -9.97
N LEU C 80 -24.33 -35.29 -10.12
CA LEU C 80 -25.76 -35.59 -10.17
C LEU C 80 -26.28 -35.39 -11.61
N ASP C 81 -27.42 -36.00 -11.93
CA ASP C 81 -28.03 -35.79 -13.24
C ASP C 81 -29.04 -34.67 -13.05
N PRO C 82 -28.84 -33.51 -13.71
CA PRO C 82 -29.80 -32.41 -13.54
C PRO C 82 -31.18 -32.72 -14.12
N ARG C 83 -31.27 -33.68 -15.08
CA ARG C 83 -32.52 -34.13 -15.68
C ARG C 83 -33.30 -34.94 -14.64
N PHE C 84 -32.61 -35.81 -13.87
CA PHE C 84 -33.27 -36.59 -12.81
C PHE C 84 -33.64 -35.68 -11.66
N LEU C 85 -32.79 -34.69 -11.32
CA LEU C 85 -33.07 -33.74 -10.23
C LEU C 85 -34.23 -32.82 -10.58
N GLU C 86 -34.40 -32.50 -11.89
CA GLU C 86 -35.49 -31.67 -12.38
C GLU C 86 -36.80 -32.45 -12.20
N ARG C 87 -36.83 -33.71 -12.71
CA ARG C 87 -37.96 -34.63 -12.60
C ARG C 87 -38.24 -35.05 -11.14
N HIS C 88 -37.20 -35.00 -10.29
CA HIS C 88 -37.28 -35.35 -8.88
C HIS C 88 -37.85 -34.21 -8.04
N LEU C 89 -37.25 -33.02 -8.10
CA LEU C 89 -37.72 -31.89 -7.30
C LEU C 89 -39.05 -31.28 -7.77
N ALA C 90 -39.79 -32.01 -8.64
CA ALA C 90 -41.12 -31.61 -9.12
C ALA C 90 -42.20 -32.25 -8.21
N GLY C 91 -42.11 -33.56 -7.96
CA GLY C 91 -43.02 -34.23 -7.04
C GLY C 91 -42.65 -33.96 -5.60
N THR C 92 -41.33 -33.83 -5.36
CA THR C 92 -40.72 -33.54 -4.05
C THR C 92 -41.01 -32.09 -3.64
N MET C 93 -41.16 -31.90 -2.34
CA MET C 93 -41.41 -30.60 -1.72
C MET C 93 -40.09 -29.77 -1.69
N SER C 94 -40.21 -28.46 -1.87
CA SER C 94 -39.06 -27.57 -1.92
C SER C 94 -38.53 -27.16 -0.53
N TYR C 95 -37.20 -27.19 -0.37
CA TYR C 95 -36.48 -26.77 0.84
C TYR C 95 -36.73 -25.30 1.17
N PHE C 96 -36.89 -24.47 0.14
CA PHE C 96 -37.08 -23.03 0.28
C PHE C 96 -38.54 -22.62 0.40
N SER C 97 -38.77 -21.43 0.94
CA SER C 97 -40.11 -20.91 1.09
C SER C 97 -40.63 -20.30 -0.24
N PRO C 98 -41.96 -20.26 -0.44
CA PRO C 98 -42.49 -19.59 -1.64
C PRO C 98 -42.22 -18.09 -1.62
N TYR C 99 -41.79 -17.52 -0.48
CA TYR C 99 -41.41 -16.13 -0.41
C TYR C 99 -39.99 -15.99 -1.00
N GLN C 100 -39.06 -16.88 -0.64
CA GLN C 100 -37.68 -16.86 -1.18
C GLN C 100 -37.68 -17.12 -2.68
N LEU C 101 -38.54 -18.03 -3.14
CA LEU C 101 -38.64 -18.39 -4.55
C LEU C 101 -39.27 -17.25 -5.38
N THR C 102 -40.22 -16.48 -4.80
CA THR C 102 -40.89 -15.35 -5.46
C THR C 102 -39.93 -14.20 -5.66
N VAL C 103 -39.14 -13.86 -4.64
CA VAL C 103 -38.16 -12.79 -4.68
C VAL C 103 -37.11 -13.06 -5.77
N LEU C 104 -36.62 -14.31 -5.84
CA LEU C 104 -35.63 -14.72 -6.83
C LEU C 104 -36.21 -14.60 -8.24
N HIS C 105 -37.51 -14.95 -8.42
CA HIS C 105 -38.14 -14.82 -9.74
C HIS C 105 -38.34 -13.35 -10.14
N VAL C 106 -38.84 -12.50 -9.21
CA VAL C 106 -39.02 -11.07 -9.45
C VAL C 106 -37.70 -10.41 -9.86
N ASP C 107 -36.59 -10.91 -9.30
CA ASP C 107 -35.24 -10.47 -9.61
C ASP C 107 -34.93 -10.65 -11.10
N GLY C 108 -35.15 -11.87 -11.61
CA GLY C 108 -34.87 -12.23 -12.98
C GLY C 108 -35.66 -11.45 -14.01
N GLU C 109 -36.91 -11.11 -13.68
CA GLU C 109 -37.81 -10.36 -14.58
C GLU C 109 -37.69 -8.82 -14.44
N LEU C 110 -36.51 -8.33 -14.06
CA LEU C 110 -36.27 -6.90 -13.93
C LEU C 110 -35.25 -6.42 -14.94
N CYS C 111 -35.46 -5.22 -15.48
CA CYS C 111 -34.54 -4.67 -16.48
C CYS C 111 -33.56 -3.66 -15.89
N ALA C 112 -32.45 -3.40 -16.59
CA ALA C 112 -31.43 -2.45 -16.16
C ALA C 112 -32.01 -1.03 -15.96
N ARG C 113 -33.03 -0.66 -16.74
CA ARG C 113 -33.67 0.65 -16.58
C ARG C 113 -34.47 0.70 -15.27
N ASP C 114 -35.10 -0.43 -14.90
CA ASP C 114 -35.90 -0.55 -13.68
C ASP C 114 -35.02 -0.64 -12.45
N ILE C 115 -33.87 -1.30 -12.55
CA ILE C 115 -32.93 -1.46 -11.44
C ILE C 115 -32.41 -0.10 -11.00
N ARG C 116 -32.00 0.73 -11.94
CA ARG C 116 -31.50 2.07 -11.64
C ARG C 116 -32.60 2.96 -11.10
N SER C 117 -33.83 2.83 -11.62
CA SER C 117 -34.98 3.60 -11.17
C SER C 117 -35.38 3.24 -9.74
N LEU C 118 -35.19 1.97 -9.34
CA LEU C 118 -35.49 1.52 -7.98
C LEU C 118 -34.53 2.19 -6.97
N ILE C 119 -33.27 2.42 -7.38
CA ILE C 119 -32.26 3.07 -6.55
C ILE C 119 -32.64 4.53 -6.28
N PHE C 120 -33.03 5.27 -7.33
CA PHE C 120 -33.44 6.68 -7.19
C PHE C 120 -34.79 6.84 -6.50
N LEU C 121 -35.64 5.79 -6.49
CA LEU C 121 -36.94 5.87 -5.85
C LEU C 121 -36.83 5.61 -4.34
N ARG C 129 -27.12 3.42 4.67
CA ARG C 129 -26.82 2.70 3.44
C ARG C 129 -27.86 2.98 2.35
N SER C 130 -27.51 2.76 1.07
CA SER C 130 -28.46 3.02 -0.03
C SER C 130 -28.29 2.05 -1.20
N THR C 131 -28.77 0.82 -1.01
CA THR C 131 -28.82 -0.34 -1.90
C THR C 131 -28.00 -0.24 -3.20
N PRO C 132 -26.66 -0.42 -3.13
CA PRO C 132 -25.82 -0.31 -4.34
C PRO C 132 -26.02 -1.35 -5.46
N GLN C 133 -26.86 -0.99 -6.45
CA GLN C 133 -27.15 -1.74 -7.68
C GLN C 133 -27.61 -3.20 -7.51
N THR C 134 -28.36 -3.53 -6.43
CA THR C 134 -28.87 -4.90 -6.27
C THR C 134 -30.34 -4.95 -5.87
N PHE C 135 -31.13 -5.82 -6.54
CA PHE C 135 -32.53 -5.99 -6.15
C PHE C 135 -32.55 -6.75 -4.82
N LEU C 136 -31.79 -7.86 -4.73
CA LEU C 136 -31.71 -8.64 -3.49
C LEU C 136 -31.11 -7.85 -2.33
N HIS C 137 -30.31 -6.81 -2.63
CA HIS C 137 -29.75 -5.92 -1.65
C HIS C 137 -30.88 -5.05 -1.07
N TRP C 138 -31.83 -4.60 -1.91
CA TRP C 138 -32.97 -3.81 -1.50
C TRP C 138 -33.92 -4.64 -0.64
N VAL C 139 -34.11 -5.93 -0.98
CA VAL C 139 -34.97 -6.84 -0.23
C VAL C 139 -34.38 -7.10 1.17
N TYR C 140 -33.04 -7.19 1.25
CA TYR C 140 -32.27 -7.37 2.49
C TYR C 140 -32.45 -6.15 3.42
N CYS C 141 -32.62 -4.94 2.85
CA CYS C 141 -32.86 -3.71 3.59
C CYS C 141 -34.22 -3.76 4.28
N MET C 142 -35.24 -4.34 3.64
CA MET C 142 -36.55 -4.45 4.24
C MET C 142 -36.65 -5.59 5.26
N GLU C 143 -35.70 -6.54 5.23
CA GLU C 143 -35.57 -7.62 6.21
C GLU C 143 -35.01 -7.06 7.57
N ASN C 144 -34.28 -5.95 7.51
CA ASN C 144 -33.76 -5.24 8.67
C ASN C 144 -34.74 -4.13 9.07
N LEU C 145 -35.40 -3.48 8.08
CA LEU C 145 -36.36 -2.40 8.28
C LEU C 145 -37.82 -2.87 8.44
N ASP C 146 -38.03 -4.19 8.69
CA ASP C 146 -39.32 -4.80 8.96
C ASP C 146 -40.42 -4.40 7.97
N LEU C 147 -40.11 -4.44 6.68
CA LEU C 147 -41.09 -4.07 5.65
C LEU C 147 -41.41 -5.23 4.68
N LEU C 148 -40.47 -6.17 4.51
CA LEU C 148 -40.67 -7.35 3.68
C LEU C 148 -40.49 -8.60 4.52
N GLY C 149 -41.38 -9.55 4.33
CA GLY C 149 -41.36 -10.82 5.04
C GLY C 149 -42.28 -11.82 4.36
N PRO C 150 -42.25 -13.09 4.78
CA PRO C 150 -43.16 -14.08 4.18
C PRO C 150 -44.62 -13.75 4.45
N THR C 151 -44.90 -13.03 5.53
CA THR C 151 -46.23 -12.64 5.93
C THR C 151 -46.67 -11.38 5.19
N ASP C 152 -45.76 -10.40 5.06
CA ASP C 152 -46.10 -9.15 4.39
C ASP C 152 -45.23 -8.90 3.15
N VAL C 153 -45.86 -8.80 1.98
CA VAL C 153 -45.14 -8.47 0.75
C VAL C 153 -45.73 -7.24 0.05
N ASP C 154 -46.52 -6.41 0.77
CA ASP C 154 -47.14 -5.23 0.22
C ASP C 154 -46.16 -4.07 0.00
N ALA C 155 -44.97 -4.12 0.61
CA ALA C 155 -43.93 -3.11 0.38
C ALA C 155 -43.31 -3.27 -1.02
N LEU C 156 -43.27 -4.52 -1.52
CA LEU C 156 -42.77 -4.87 -2.85
C LEU C 156 -43.85 -4.57 -3.89
N MET C 157 -45.11 -4.88 -3.58
CA MET C 157 -46.26 -4.67 -4.46
C MET C 157 -46.45 -3.20 -4.83
N SER C 158 -46.21 -2.31 -3.87
CA SER C 158 -46.32 -0.89 -4.12
C SER C 158 -45.15 -0.43 -4.97
N MET C 159 -43.92 -0.89 -4.63
CA MET C 159 -42.72 -0.55 -5.38
C MET C 159 -42.78 -1.05 -6.83
N LEU C 160 -43.53 -2.14 -7.09
CA LEU C 160 -43.71 -2.73 -8.42
C LEU C 160 -44.66 -1.87 -9.26
N ARG C 161 -45.82 -1.51 -8.66
CA ARG C 161 -46.83 -0.70 -9.33
C ARG C 161 -46.26 0.66 -9.66
N SER C 162 -45.57 1.27 -8.67
CA SER C 162 -44.98 2.60 -8.81
C SER C 162 -43.63 2.58 -9.50
N LEU C 163 -43.41 1.62 -10.42
CA LEU C 163 -42.17 1.56 -11.17
C LEU C 163 -42.48 1.50 -12.66
N SER C 164 -43.10 0.40 -13.11
CA SER C 164 -43.43 0.15 -14.52
C SER C 164 -43.93 -1.29 -14.68
N ARG C 165 -43.33 -2.25 -13.94
CA ARG C 165 -43.68 -3.67 -14.04
C ARG C 165 -44.98 -4.04 -13.33
N VAL C 166 -46.08 -3.48 -13.81
CA VAL C 166 -47.42 -3.76 -13.29
C VAL C 166 -47.86 -5.20 -13.62
N ASP C 167 -47.25 -5.83 -14.65
CA ASP C 167 -47.52 -7.21 -15.05
C ASP C 167 -46.97 -8.22 -14.04
N LEU C 168 -45.95 -7.84 -13.25
CA LEU C 168 -45.36 -8.73 -12.26
C LEU C 168 -46.17 -8.83 -10.97
N GLN C 169 -47.15 -7.93 -10.76
CA GLN C 169 -48.01 -7.95 -9.58
C GLN C 169 -48.97 -9.15 -9.59
N ARG C 170 -49.29 -9.73 -10.75
CA ARG C 170 -50.19 -10.88 -10.84
C ARG C 170 -49.52 -12.15 -10.27
N GLN C 171 -48.27 -12.44 -10.68
CA GLN C 171 -47.50 -13.59 -10.16
C GLN C 171 -47.12 -13.39 -8.70
N VAL C 172 -46.86 -12.15 -8.31
CA VAL C 172 -46.56 -11.82 -6.93
C VAL C 172 -47.81 -12.04 -6.06
N GLN C 173 -48.99 -11.59 -6.51
CA GLN C 173 -50.25 -11.81 -5.79
C GLN C 173 -50.61 -13.31 -5.65
N THR C 174 -50.03 -14.16 -6.57
CA THR C 174 -50.14 -15.63 -6.60
C THR C 174 -49.15 -16.30 -5.59
N LEU C 175 -48.11 -15.58 -5.11
CA LEU C 175 -47.22 -16.12 -4.08
C LEU C 175 -48.04 -16.36 -2.77
N SER D 5 -22.43 13.68 24.16
CA SER D 5 -21.67 13.83 22.91
C SER D 5 -21.87 12.64 21.97
N MET D 6 -21.86 12.86 20.63
CA MET D 6 -22.12 11.81 19.62
C MET D 6 -21.21 11.89 18.38
N ALA D 7 -20.81 10.73 17.83
CA ALA D 7 -19.93 10.66 16.66
C ALA D 7 -20.66 10.90 15.34
N THR D 8 -20.35 12.04 14.68
CA THR D 8 -20.92 12.47 13.39
C THR D 8 -20.63 11.45 12.28
N TYR D 9 -21.60 11.22 11.39
CA TYR D 9 -21.45 10.28 10.28
C TYR D 9 -20.38 10.72 9.29
N GLU D 10 -20.26 12.02 9.06
CA GLU D 10 -19.29 12.60 8.13
C GLU D 10 -17.86 12.46 8.65
N VAL D 11 -17.66 12.58 9.97
CA VAL D 11 -16.33 12.45 10.57
C VAL D 11 -15.88 11.00 10.50
N LEU D 12 -16.80 10.06 10.76
CA LEU D 12 -16.57 8.63 10.74
C LEU D 12 -15.98 8.11 9.42
N CYS D 13 -16.34 8.74 8.29
CA CYS D 13 -15.82 8.34 6.98
C CYS D 13 -14.38 8.82 6.82
N GLU D 14 -14.06 10.02 7.31
CA GLU D 14 -12.72 10.60 7.26
C GLU D 14 -11.71 9.85 8.15
N VAL D 15 -12.20 9.17 9.20
CA VAL D 15 -11.38 8.34 10.09
C VAL D 15 -11.03 7.02 9.41
N ALA D 16 -11.99 6.44 8.67
CA ALA D 16 -11.84 5.17 7.94
C ALA D 16 -10.88 5.24 6.74
N GLU D 17 -10.78 6.40 6.11
CA GLU D 17 -9.87 6.59 5.00
C GLU D 17 -8.43 6.57 5.52
N LYS D 18 -8.16 7.36 6.58
CA LYS D 18 -6.85 7.50 7.22
C LYS D 18 -6.48 6.39 8.21
N LEU D 19 -6.96 5.16 8.00
CA LEU D 19 -6.64 4.04 8.87
C LEU D 19 -6.00 2.92 8.08
N GLY D 20 -4.73 2.66 8.39
CA GLY D 20 -3.93 1.64 7.74
C GLY D 20 -4.40 0.23 8.02
N THR D 21 -3.85 -0.71 7.21
CA THR D 21 -4.07 -2.16 7.12
C THR D 21 -4.08 -2.89 8.46
N ASP D 22 -3.25 -2.44 9.36
CA ASP D 22 -3.01 -3.03 10.66
C ASP D 22 -3.84 -2.34 11.77
N ASP D 23 -4.08 -1.02 11.61
CA ASP D 23 -4.83 -0.14 12.52
C ASP D 23 -6.31 -0.52 12.56
N ARG D 24 -6.86 -0.92 11.40
CA ARG D 24 -8.25 -1.31 11.22
C ARG D 24 -8.72 -2.36 12.23
N GLU D 25 -7.93 -3.43 12.37
CA GLU D 25 -8.07 -4.59 13.25
C GLU D 25 -8.12 -4.19 14.73
N VAL D 26 -7.34 -3.18 15.08
CA VAL D 26 -7.21 -2.73 16.45
C VAL D 26 -8.44 -1.93 16.88
N VAL D 27 -8.88 -0.97 16.06
CA VAL D 27 -10.06 -0.11 16.30
C VAL D 27 -11.32 -0.94 16.45
N LEU D 28 -11.59 -1.83 15.47
CA LEU D 28 -12.76 -2.71 15.49
C LEU D 28 -12.83 -3.58 16.75
N PHE D 29 -11.67 -4.01 17.27
CA PHE D 29 -11.64 -4.83 18.46
C PHE D 29 -12.10 -4.02 19.66
N LEU D 30 -11.59 -2.78 19.79
CA LEU D 30 -11.94 -1.88 20.90
C LEU D 30 -13.41 -1.45 20.90
N LEU D 31 -14.04 -1.45 19.73
CA LEU D 31 -15.46 -1.14 19.60
C LEU D 31 -16.38 -2.37 19.71
N ASN D 32 -15.84 -3.54 20.13
CA ASN D 32 -16.56 -4.81 20.28
C ASN D 32 -16.91 -5.48 18.92
N VAL D 33 -17.46 -4.73 17.94
CA VAL D 33 -17.80 -5.25 16.62
C VAL D 33 -16.51 -5.46 15.87
N PHE D 34 -16.08 -6.70 15.68
CA PHE D 34 -14.80 -6.93 15.02
C PHE D 34 -14.91 -7.80 13.80
N ILE D 35 -14.26 -7.38 12.74
CA ILE D 35 -14.19 -8.15 11.51
C ILE D 35 -12.74 -8.29 11.07
N PRO D 36 -12.28 -9.55 10.98
CA PRO D 36 -10.88 -9.80 10.64
C PRO D 36 -10.51 -9.45 9.21
N GLN D 37 -9.34 -8.78 9.05
CA GLN D 37 -8.74 -8.26 7.80
C GLN D 37 -9.80 -7.50 7.00
N PRO D 38 -10.18 -6.30 7.45
CA PRO D 38 -11.31 -5.61 6.81
C PRO D 38 -11.01 -4.60 5.71
N THR D 39 -11.89 -4.54 4.71
CA THR D 39 -11.77 -3.57 3.61
C THR D 39 -12.37 -2.20 4.05
N LEU D 40 -12.29 -1.17 3.21
CA LEU D 40 -12.87 0.14 3.53
C LEU D 40 -14.39 0.04 3.72
N ALA D 41 -15.05 -0.83 2.93
CA ALA D 41 -16.48 -1.07 3.01
C ALA D 41 -16.84 -1.80 4.31
N GLN D 42 -16.01 -2.76 4.71
CA GLN D 42 -16.23 -3.52 5.94
C GLN D 42 -16.01 -2.66 7.19
N LEU D 43 -15.04 -1.75 7.14
CA LEU D 43 -14.74 -0.87 8.28
C LEU D 43 -15.85 0.15 8.48
N ILE D 44 -16.26 0.86 7.41
CA ILE D 44 -17.35 1.82 7.50
C ILE D 44 -18.67 1.14 7.82
N GLY D 45 -18.89 -0.05 7.26
CA GLY D 45 -20.08 -0.85 7.49
C GLY D 45 -20.33 -1.22 8.95
N ALA D 46 -19.26 -1.42 9.73
CA ALA D 46 -19.41 -1.70 11.15
C ALA D 46 -19.59 -0.41 11.93
N LEU D 47 -18.89 0.67 11.53
CA LEU D 47 -18.97 1.98 12.16
C LEU D 47 -20.35 2.59 12.01
N ARG D 48 -20.98 2.45 10.84
CA ARG D 48 -22.32 2.95 10.55
C ARG D 48 -23.36 2.26 11.46
N ALA D 49 -23.15 0.96 11.73
CA ALA D 49 -24.03 0.16 12.60
C ALA D 49 -23.92 0.57 14.09
N LEU D 50 -22.80 1.17 14.48
CA LEU D 50 -22.61 1.63 15.84
C LEU D 50 -23.17 3.03 16.01
N LYS D 51 -23.04 3.88 14.98
CA LYS D 51 -23.61 5.23 15.05
C LYS D 51 -25.10 5.27 14.71
N GLU D 52 -25.70 4.12 14.28
CA GLU D 52 -27.13 3.90 14.00
C GLU D 52 -27.81 3.21 15.19
N GLU D 53 -27.07 2.38 15.95
CA GLU D 53 -27.58 1.74 17.15
C GLU D 53 -27.08 2.45 18.43
N GLY D 54 -26.87 3.79 18.33
CA GLY D 54 -26.47 4.73 19.39
C GLY D 54 -25.16 4.55 20.12
N ARG D 55 -24.53 3.39 19.97
CA ARG D 55 -23.32 3.01 20.67
C ARG D 55 -22.12 3.89 20.40
N LEU D 56 -21.97 4.41 19.18
CA LEU D 56 -20.79 5.21 18.85
C LEU D 56 -20.83 6.64 19.39
N THR D 57 -20.48 6.86 20.68
CA THR D 57 -20.43 8.22 21.23
C THR D 57 -19.08 8.89 20.88
N PHE D 58 -19.04 10.22 20.97
CA PHE D 58 -17.82 10.96 20.65
C PHE D 58 -16.63 10.61 21.55
N PRO D 59 -16.76 10.53 22.90
CA PRO D 59 -15.59 10.18 23.72
C PRO D 59 -15.17 8.72 23.63
N LEU D 60 -16.04 7.86 23.11
CA LEU D 60 -15.71 6.45 22.88
C LEU D 60 -14.78 6.39 21.67
N LEU D 61 -15.01 7.23 20.63
CA LEU D 61 -14.15 7.28 19.46
C LEU D 61 -12.87 8.07 19.75
N ALA D 62 -12.95 9.15 20.55
CA ALA D 62 -11.78 9.93 20.90
C ALA D 62 -10.77 9.09 21.70
N GLU D 63 -11.28 8.30 22.64
CA GLU D 63 -10.44 7.39 23.43
C GLU D 63 -9.96 6.24 22.53
N CYS D 64 -10.84 5.74 21.65
CA CYS D 64 -10.51 4.65 20.71
C CYS D 64 -9.31 4.96 19.84
N LEU D 65 -9.11 6.23 19.46
CA LEU D 65 -7.96 6.59 18.63
C LEU D 65 -6.71 6.87 19.48
N PHE D 66 -6.90 7.34 20.73
CA PHE D 66 -5.83 7.61 21.70
C PHE D 66 -5.20 6.30 22.20
N ARG D 67 -6.03 5.25 22.39
CA ARG D 67 -5.59 3.94 22.85
C ARG D 67 -5.02 3.10 21.69
N ALA D 68 -5.50 3.33 20.45
CA ALA D 68 -4.99 2.60 19.28
C ALA D 68 -3.58 3.03 18.86
N GLY D 69 -3.22 4.26 19.16
CA GLY D 69 -1.90 4.79 18.80
C GLY D 69 -1.94 5.70 17.60
N ARG D 70 -3.03 6.46 17.47
CA ARG D 70 -3.18 7.40 16.38
C ARG D 70 -3.48 8.78 16.94
N ARG D 71 -2.55 9.30 17.77
CA ARG D 71 -2.72 10.61 18.38
C ARG D 71 -2.70 11.76 17.36
N ASP D 72 -2.30 11.50 16.11
CA ASP D 72 -2.27 12.53 15.07
C ASP D 72 -3.69 12.97 14.71
N LEU D 73 -4.61 12.00 14.60
CA LEU D 73 -6.00 12.18 14.19
C LEU D 73 -6.87 13.00 15.13
N LEU D 74 -6.59 13.02 16.44
CA LEU D 74 -7.41 13.78 17.40
C LEU D 74 -7.43 15.25 17.07
N ARG D 75 -6.29 15.79 16.67
CA ARG D 75 -6.18 17.20 16.30
C ARG D 75 -6.43 17.49 14.80
N ASP D 76 -6.71 16.44 14.02
CA ASP D 76 -6.91 16.45 12.58
C ASP D 76 -8.40 16.52 12.22
N LEU D 77 -9.17 15.56 12.75
CA LEU D 77 -10.60 15.43 12.46
C LEU D 77 -11.47 15.82 13.65
N LEU D 78 -11.11 15.32 14.85
CA LEU D 78 -11.90 15.60 16.05
C LEU D 78 -11.66 17.01 16.60
N HIS D 79 -10.52 17.64 16.23
CA HIS D 79 -10.11 18.98 16.63
C HIS D 79 -9.98 19.12 18.13
N LEU D 80 -9.37 18.11 18.73
CA LEU D 80 -9.11 18.00 20.16
C LEU D 80 -7.58 18.11 20.39
N ASP D 81 -7.17 18.45 21.62
CA ASP D 81 -5.75 18.49 21.95
C ASP D 81 -5.42 17.13 22.57
N PRO D 82 -4.54 16.34 21.94
CA PRO D 82 -4.19 15.02 22.51
C PRO D 82 -3.44 15.12 23.85
N ARG D 83 -2.78 16.26 24.12
CA ARG D 83 -2.09 16.50 25.38
C ARG D 83 -3.13 16.71 26.51
N PHE D 84 -4.24 17.45 26.21
CA PHE D 84 -5.31 17.66 27.20
C PHE D 84 -6.11 16.37 27.39
N LEU D 85 -6.31 15.59 26.32
CA LEU D 85 -7.02 14.29 26.38
C LEU D 85 -6.18 13.25 27.13
N GLU D 86 -4.83 13.34 27.05
CA GLU D 86 -3.93 12.44 27.75
C GLU D 86 -4.04 12.73 29.25
N ARG D 87 -3.90 14.02 29.63
CA ARG D 87 -4.02 14.49 31.01
C ARG D 87 -5.47 14.30 31.55
N HIS D 88 -6.47 14.27 30.66
CA HIS D 88 -7.87 14.09 30.99
C HIS D 88 -8.22 12.63 31.23
N LEU D 89 -7.93 11.73 30.27
CA LEU D 89 -8.27 10.31 30.42
C LEU D 89 -7.38 9.56 31.43
N ALA D 90 -6.63 10.29 32.26
CA ALA D 90 -5.79 9.71 33.31
C ALA D 90 -6.60 9.66 34.63
N GLY D 91 -7.24 10.77 35.00
CA GLY D 91 -8.11 10.80 36.18
C GLY D 91 -9.48 10.20 35.87
N THR D 92 -9.93 10.39 34.62
CA THR D 92 -11.19 9.88 34.10
C THR D 92 -11.12 8.36 33.94
N MET D 93 -12.27 7.72 34.14
CA MET D 93 -12.41 6.28 34.00
C MET D 93 -12.44 5.90 32.49
N SER D 94 -11.86 4.74 32.16
CA SER D 94 -11.78 4.26 30.79
C SER D 94 -13.06 3.58 30.31
N TYR D 95 -13.49 3.92 29.08
CA TYR D 95 -14.66 3.33 28.41
C TYR D 95 -14.48 1.82 28.20
N PHE D 96 -13.24 1.38 27.95
CA PHE D 96 -12.94 -0.01 27.66
C PHE D 96 -12.64 -0.83 28.91
N SER D 97 -12.80 -2.14 28.79
CA SER D 97 -12.55 -3.05 29.89
C SER D 97 -11.04 -3.32 30.04
N PRO D 98 -10.59 -3.67 31.26
CA PRO D 98 -9.17 -4.03 31.41
C PRO D 98 -8.80 -5.32 30.66
N TYR D 99 -9.81 -6.08 30.18
CA TYR D 99 -9.54 -7.25 29.36
C TYR D 99 -9.22 -6.76 27.93
N GLN D 100 -9.99 -5.80 27.38
CA GLN D 100 -9.76 -5.26 26.03
C GLN D 100 -8.42 -4.51 25.98
N LEU D 101 -8.06 -3.80 27.05
CA LEU D 101 -6.83 -3.06 27.13
C LEU D 101 -5.60 -4.01 27.26
N THR D 102 -5.76 -5.14 27.95
CA THR D 102 -4.69 -6.13 28.13
C THR D 102 -4.37 -6.84 26.82
N VAL D 103 -5.39 -7.25 26.06
CA VAL D 103 -5.25 -7.91 24.76
C VAL D 103 -4.50 -7.03 23.78
N LEU D 104 -4.87 -5.74 23.73
CA LEU D 104 -4.23 -4.76 22.86
C LEU D 104 -2.77 -4.58 23.23
N HIS D 105 -2.43 -4.58 24.54
CA HIS D 105 -1.04 -4.45 24.95
C HIS D 105 -0.24 -5.72 24.62
N VAL D 106 -0.78 -6.92 24.88
CA VAL D 106 -0.13 -8.19 24.56
C VAL D 106 0.17 -8.28 23.06
N ASP D 107 -0.69 -7.69 22.23
CA ASP D 107 -0.55 -7.61 20.78
C ASP D 107 0.74 -6.86 20.41
N GLY D 108 0.93 -5.67 20.97
CA GLY D 108 2.10 -4.84 20.70
C GLY D 108 3.42 -5.43 21.10
N GLU D 109 3.45 -6.22 22.21
CA GLU D 109 4.66 -6.86 22.71
C GLU D 109 4.91 -8.26 22.10
N LEU D 110 4.48 -8.49 20.85
CA LEU D 110 4.69 -9.75 20.16
C LEU D 110 5.59 -9.56 18.95
N CYS D 111 6.48 -10.53 18.69
CA CYS D 111 7.39 -10.46 17.55
C CYS D 111 6.91 -11.28 16.34
N ALA D 112 7.43 -10.98 15.14
CA ALA D 112 7.07 -11.69 13.91
C ALA D 112 7.36 -13.20 14.00
N ARG D 113 8.40 -13.59 14.75
CA ARG D 113 8.71 -15.01 14.94
C ARG D 113 7.64 -15.68 15.81
N ASP D 114 7.12 -14.95 16.80
CA ASP D 114 6.09 -15.44 17.72
C ASP D 114 4.72 -15.47 17.08
N ILE D 115 4.43 -14.49 16.22
CA ILE D 115 3.13 -14.40 15.57
C ILE D 115 2.92 -15.50 14.54
N ARG D 116 4.00 -15.96 13.90
CA ARG D 116 3.89 -17.09 12.97
C ARG D 116 3.78 -18.39 13.77
N SER D 117 4.56 -18.52 14.85
CA SER D 117 4.54 -19.68 15.73
C SER D 117 3.17 -19.86 16.39
N LEU D 118 2.44 -18.74 16.65
CA LEU D 118 1.09 -18.66 17.22
C LEU D 118 0.09 -19.45 16.34
N ILE D 119 0.24 -19.31 15.01
CA ILE D 119 -0.64 -19.97 14.06
C ILE D 119 -0.37 -21.48 14.04
N PHE D 120 0.91 -21.89 13.89
CA PHE D 120 1.31 -23.29 13.80
C PHE D 120 1.11 -24.09 15.08
N LEU D 121 1.00 -23.41 16.23
CA LEU D 121 0.79 -24.08 17.50
C LEU D 121 -0.70 -24.43 17.72
N SER D 122 -1.61 -23.46 17.45
CA SER D 122 -3.08 -23.61 17.61
C SER D 122 -3.69 -24.63 16.65
N ARG D 129 -12.11 -22.25 10.16
CA ARG D 129 -11.21 -21.10 10.05
C ARG D 129 -9.86 -21.37 10.73
N SER D 130 -8.80 -20.69 10.29
CA SER D 130 -7.47 -20.89 10.87
C SER D 130 -6.62 -19.62 10.95
N THR D 131 -7.00 -18.73 11.85
CA THR D 131 -6.41 -17.42 12.20
C THR D 131 -5.30 -16.88 11.26
N PRO D 132 -5.69 -16.37 10.07
CA PRO D 132 -4.68 -15.85 9.11
C PRO D 132 -3.86 -14.62 9.52
N GLN D 133 -2.64 -14.86 10.05
CA GLN D 133 -1.65 -13.85 10.42
C GLN D 133 -2.13 -12.73 11.37
N THR D 134 -3.03 -13.02 12.34
CA THR D 134 -3.44 -11.97 13.30
C THR D 134 -3.54 -12.46 14.73
N PHE D 135 -2.98 -11.69 15.68
CA PHE D 135 -3.12 -12.03 17.09
C PHE D 135 -4.57 -11.76 17.48
N LEU D 136 -5.10 -10.56 17.15
CA LEU D 136 -6.50 -10.20 17.44
C LEU D 136 -7.50 -11.11 16.75
N HIS D 137 -7.10 -11.74 15.63
CA HIS D 137 -7.92 -12.70 14.91
C HIS D 137 -8.02 -13.98 15.75
N TRP D 138 -6.92 -14.40 16.40
CA TRP D 138 -6.89 -15.57 17.27
C TRP D 138 -7.72 -15.35 18.52
N VAL D 139 -7.69 -14.13 19.08
CA VAL D 139 -8.47 -13.77 20.27
C VAL D 139 -9.98 -13.79 19.95
N TYR D 140 -10.34 -13.33 18.74
CA TYR D 140 -11.71 -13.31 18.22
C TYR D 140 -12.26 -14.73 18.09
N CYS D 141 -11.40 -15.71 17.77
CA CYS D 141 -11.77 -17.13 17.67
C CYS D 141 -12.15 -17.67 19.03
N MET D 142 -11.39 -17.29 20.05
CA MET D 142 -11.63 -17.71 21.41
C MET D 142 -12.90 -17.11 22.00
N GLU D 143 -13.31 -15.91 21.54
CA GLU D 143 -14.55 -15.26 21.97
C GLU D 143 -15.78 -16.06 21.51
N ASN D 144 -15.71 -16.59 20.29
CA ASN D 144 -16.77 -17.39 19.72
C ASN D 144 -16.70 -18.83 20.27
N LEU D 145 -15.48 -19.35 20.51
CA LEU D 145 -15.23 -20.71 21.02
C LEU D 145 -15.17 -20.81 22.55
N ASP D 146 -15.65 -19.77 23.26
CA ASP D 146 -15.76 -19.71 24.71
C ASP D 146 -14.49 -20.15 25.45
N LEU D 147 -13.32 -19.63 25.03
CA LEU D 147 -12.05 -19.96 25.67
C LEU D 147 -11.37 -18.71 26.27
N LEU D 148 -11.64 -17.52 25.69
CA LEU D 148 -11.12 -16.25 26.17
C LEU D 148 -12.29 -15.34 26.48
N GLY D 149 -12.19 -14.67 27.60
CA GLY D 149 -13.20 -13.73 28.06
C GLY D 149 -12.68 -12.88 29.20
N PRO D 150 -13.44 -11.86 29.62
CA PRO D 150 -13.00 -11.03 30.75
C PRO D 150 -12.89 -11.83 32.05
N THR D 151 -13.66 -12.92 32.16
CA THR D 151 -13.69 -13.80 33.31
C THR D 151 -12.54 -14.80 33.24
N ASP D 152 -12.31 -15.39 32.07
CA ASP D 152 -11.26 -16.39 31.92
C ASP D 152 -10.20 -15.98 30.91
N VAL D 153 -8.95 -15.88 31.34
CA VAL D 153 -7.84 -15.58 30.45
C VAL D 153 -6.73 -16.63 30.50
N ASP D 154 -7.03 -17.84 31.03
CA ASP D 154 -6.06 -18.91 31.17
C ASP D 154 -5.74 -19.61 29.84
N ALA D 155 -6.56 -19.43 28.80
CA ALA D 155 -6.27 -19.97 27.46
C ALA D 155 -5.10 -19.20 26.80
N LEU D 156 -4.97 -17.90 27.13
CA LEU D 156 -3.93 -17.01 26.66
C LEU D 156 -2.65 -17.25 27.47
N MET D 157 -2.78 -17.44 28.79
CA MET D 157 -1.68 -17.67 29.71
C MET D 157 -0.90 -18.93 29.36
N SER D 158 -1.60 -19.98 28.94
CA SER D 158 -0.95 -21.21 28.55
C SER D 158 -0.26 -21.02 27.22
N MET D 159 -0.93 -20.36 26.26
CA MET D 159 -0.36 -20.08 24.94
C MET D 159 0.88 -19.18 25.03
N LEU D 160 0.97 -18.34 26.07
CA LEU D 160 2.10 -17.43 26.30
C LEU D 160 3.30 -18.21 26.84
N ARG D 161 3.06 -19.05 27.86
CA ARG D 161 4.10 -19.85 28.49
C ARG D 161 4.68 -20.83 27.46
N SER D 162 3.79 -21.49 26.71
CA SER D 162 4.16 -22.47 25.70
C SER D 162 4.56 -21.84 24.36
N LEU D 163 5.11 -20.62 24.40
CA LEU D 163 5.58 -19.97 23.19
C LEU D 163 7.02 -19.53 23.38
N SER D 164 7.26 -18.57 24.29
CA SER D 164 8.57 -17.99 24.56
C SER D 164 8.42 -16.77 25.48
N ARG D 165 7.34 -15.98 25.29
CA ARG D 165 7.10 -14.76 26.07
C ARG D 165 6.59 -15.02 27.49
N VAL D 166 7.42 -15.69 28.30
CA VAL D 166 7.11 -15.99 29.68
C VAL D 166 7.11 -14.72 30.55
N ASP D 167 7.78 -13.64 30.09
CA ASP D 167 7.84 -12.35 30.76
C ASP D 167 6.50 -11.60 30.70
N LEU D 168 5.67 -11.89 29.68
CA LEU D 168 4.37 -11.26 29.52
C LEU D 168 3.29 -11.83 30.43
N GLN D 169 3.53 -12.99 31.05
CA GLN D 169 2.59 -13.61 31.97
C GLN D 169 2.41 -12.83 33.29
N ARG D 170 3.42 -12.03 33.68
CA ARG D 170 3.33 -11.25 34.91
C ARG D 170 2.32 -10.09 34.77
N GLN D 171 2.42 -9.31 33.69
CA GLN D 171 1.50 -8.20 33.41
C GLN D 171 0.10 -8.72 33.12
N VAL D 172 0.02 -9.87 32.45
CA VAL D 172 -1.25 -10.52 32.14
C VAL D 172 -1.91 -10.97 33.44
N GLN D 173 -1.17 -11.62 34.36
CA GLN D 173 -1.71 -12.06 35.66
C GLN D 173 -2.28 -10.92 36.51
N THR D 174 -1.82 -9.70 36.23
CA THR D 174 -2.25 -8.49 36.90
C THR D 174 -3.52 -7.97 36.23
N LEU D 175 -3.49 -7.84 34.90
CA LEU D 175 -4.61 -7.30 34.16
C LEU D 175 -5.34 -8.36 33.35
N THR E 8 -1.58 -20.71 3.32
CA THR E 8 -2.95 -20.83 3.81
C THR E 8 -3.96 -20.74 2.67
N TYR E 9 -5.01 -21.58 2.70
CA TYR E 9 -6.05 -21.59 1.67
C TYR E 9 -6.86 -20.29 1.65
N GLU E 10 -7.08 -19.70 2.83
CA GLU E 10 -7.84 -18.46 2.97
C GLU E 10 -7.09 -17.26 2.41
N VAL E 11 -5.76 -17.23 2.57
CA VAL E 11 -4.93 -16.15 2.05
C VAL E 11 -4.90 -16.19 0.53
N LEU E 12 -4.77 -17.41 -0.03
CA LEU E 12 -4.73 -17.69 -1.46
C LEU E 12 -5.92 -17.11 -2.24
N CYS E 13 -7.10 -17.05 -1.63
CA CYS E 13 -8.29 -16.50 -2.28
C CYS E 13 -8.21 -14.99 -2.35
N GLU E 14 -7.71 -14.34 -1.27
CA GLU E 14 -7.54 -12.89 -1.17
C GLU E 14 -6.48 -12.35 -2.14
N VAL E 15 -5.51 -13.19 -2.51
CA VAL E 15 -4.46 -12.84 -3.47
C VAL E 15 -5.04 -12.86 -4.88
N ALA E 16 -5.92 -13.85 -5.18
CA ALA E 16 -6.56 -14.04 -6.49
C ALA E 16 -7.56 -12.96 -6.87
N GLU E 17 -8.19 -12.34 -5.86
CA GLU E 17 -9.15 -11.28 -6.12
C GLU E 17 -8.36 -10.03 -6.56
N LYS E 18 -7.30 -9.67 -5.82
CA LYS E 18 -6.46 -8.48 -6.07
C LYS E 18 -5.35 -8.67 -7.13
N LEU E 19 -5.54 -9.55 -8.12
CA LEU E 19 -4.55 -9.78 -9.16
C LEU E 19 -5.17 -9.46 -10.52
N GLY E 20 -4.68 -8.42 -11.18
CA GLY E 20 -5.19 -7.96 -12.46
C GLY E 20 -5.43 -9.02 -13.52
N THR E 21 -4.66 -8.98 -14.59
CA THR E 21 -4.72 -9.95 -15.70
C THR E 21 -3.31 -10.37 -16.04
N ASP E 22 -2.38 -9.40 -16.13
CA ASP E 22 -0.96 -9.62 -16.33
C ASP E 22 -0.47 -10.37 -15.06
N ASP E 23 -0.87 -9.88 -13.88
CA ASP E 23 -0.56 -10.44 -12.57
C ASP E 23 -1.30 -11.77 -12.26
N ARG E 24 -1.96 -12.36 -13.26
CA ARG E 24 -2.64 -13.66 -13.19
C ARG E 24 -1.80 -14.70 -13.95
N GLU E 25 -1.15 -14.29 -15.07
CA GLU E 25 -0.31 -15.11 -15.92
C GLU E 25 1.16 -15.03 -15.51
N VAL E 26 1.59 -13.87 -15.00
CA VAL E 26 2.96 -13.70 -14.55
C VAL E 26 3.23 -14.62 -13.36
N VAL E 27 2.32 -14.61 -12.42
CA VAL E 27 2.39 -15.45 -11.24
C VAL E 27 2.24 -16.94 -11.62
N LEU E 28 1.21 -17.28 -12.42
CA LEU E 28 0.94 -18.65 -12.90
C LEU E 28 2.14 -19.28 -13.61
N PHE E 29 2.92 -18.45 -14.33
CA PHE E 29 4.11 -18.90 -15.06
C PHE E 29 5.19 -19.28 -14.07
N LEU E 30 5.41 -18.44 -13.05
CA LEU E 30 6.43 -18.71 -12.04
C LEU E 30 6.11 -19.95 -11.22
N LEU E 31 4.83 -20.31 -11.09
CA LEU E 31 4.41 -21.52 -10.38
C LEU E 31 4.41 -22.79 -11.25
N ASN E 32 5.04 -22.73 -12.44
CA ASN E 32 5.19 -23.80 -13.43
C ASN E 32 3.90 -24.14 -14.18
N VAL E 33 2.71 -23.96 -13.54
CA VAL E 33 1.37 -24.30 -14.05
C VAL E 33 0.92 -23.59 -15.36
N PHE E 34 0.98 -22.25 -15.42
CA PHE E 34 0.56 -21.37 -16.53
C PHE E 34 -0.73 -21.81 -17.30
N ILE E 35 -1.73 -20.91 -17.28
CA ILE E 35 -3.02 -20.99 -17.96
C ILE E 35 -3.22 -19.62 -18.63
N PRO E 36 -3.23 -19.53 -19.97
CA PRO E 36 -3.34 -18.21 -20.62
C PRO E 36 -4.70 -17.55 -20.47
N GLN E 37 -4.70 -16.23 -20.16
CA GLN E 37 -5.85 -15.37 -19.94
C GLN E 37 -6.83 -16.03 -18.98
N PRO E 38 -6.46 -16.11 -17.68
CA PRO E 38 -7.29 -16.88 -16.75
C PRO E 38 -8.36 -16.11 -15.96
N THR E 39 -9.49 -16.77 -15.71
CA THR E 39 -10.57 -16.18 -14.93
C THR E 39 -10.28 -16.41 -13.42
N LEU E 40 -11.14 -15.89 -12.52
CA LEU E 40 -10.98 -16.10 -11.08
C LEU E 40 -11.04 -17.59 -10.73
N ALA E 41 -11.90 -18.35 -11.42
CA ALA E 41 -12.04 -19.78 -11.21
C ALA E 41 -10.79 -20.53 -11.69
N GLN E 42 -10.22 -20.12 -12.82
CA GLN E 42 -9.04 -20.74 -13.39
C GLN E 42 -7.80 -20.48 -12.53
N LEU E 43 -7.70 -19.28 -11.98
CA LEU E 43 -6.56 -18.90 -11.15
C LEU E 43 -6.58 -19.63 -9.81
N ILE E 44 -7.71 -19.60 -9.11
CA ILE E 44 -7.83 -20.30 -7.85
C ILE E 44 -7.74 -21.80 -8.04
N GLY E 45 -8.31 -22.31 -9.13
CA GLY E 45 -8.28 -23.73 -9.47
C GLY E 45 -6.89 -24.31 -9.61
N ALA E 46 -5.93 -23.52 -10.09
CA ALA E 46 -4.54 -23.98 -10.21
C ALA E 46 -3.83 -23.85 -8.86
N LEU E 47 -4.11 -22.76 -8.13
CA LEU E 47 -3.53 -22.49 -6.81
C LEU E 47 -3.93 -23.55 -5.78
N ARG E 48 -5.21 -23.95 -5.78
CA ARG E 48 -5.74 -24.98 -4.87
C ARG E 48 -5.06 -26.32 -5.10
N ALA E 49 -4.76 -26.65 -6.37
CA ALA E 49 -4.08 -27.88 -6.77
C ALA E 49 -2.61 -27.91 -6.34
N LEU E 50 -1.99 -26.74 -6.13
CA LEU E 50 -0.61 -26.67 -5.67
C LEU E 50 -0.55 -26.74 -4.14
N LYS E 51 -1.53 -26.15 -3.44
CA LYS E 51 -1.57 -26.21 -1.98
C LYS E 51 -2.02 -27.60 -1.51
N GLU E 52 -2.82 -28.33 -2.36
CA GLU E 52 -3.34 -29.70 -2.13
C GLU E 52 -2.28 -30.78 -2.43
N GLU E 53 -1.26 -30.45 -3.26
CA GLU E 53 -0.14 -31.33 -3.61
C GLU E 53 1.07 -31.12 -2.65
N GLY E 54 1.17 -29.92 -2.06
CA GLY E 54 2.21 -29.60 -1.10
C GLY E 54 3.24 -28.64 -1.63
N ARG E 55 3.37 -28.53 -2.98
CA ARG E 55 4.36 -27.68 -3.64
C ARG E 55 4.21 -26.17 -3.37
N LEU E 56 3.00 -25.70 -2.98
CA LEU E 56 2.80 -24.26 -2.71
C LEU E 56 3.15 -23.87 -1.25
N THR E 57 4.43 -23.63 -0.99
CA THR E 57 4.89 -23.22 0.33
C THR E 57 4.75 -21.70 0.50
N PHE E 58 4.81 -21.21 1.75
CA PHE E 58 4.70 -19.77 2.01
C PHE E 58 5.81 -18.94 1.33
N PRO E 59 7.11 -19.30 1.42
CA PRO E 59 8.13 -18.47 0.76
C PRO E 59 8.14 -18.56 -0.75
N LEU E 60 7.50 -19.59 -1.31
CA LEU E 60 7.36 -19.71 -2.75
C LEU E 60 6.35 -18.67 -3.23
N LEU E 61 5.26 -18.44 -2.44
CA LEU E 61 4.24 -17.45 -2.78
C LEU E 61 4.73 -16.05 -2.43
N ALA E 62 5.48 -15.89 -1.33
CA ALA E 62 6.01 -14.58 -0.93
C ALA E 62 6.99 -14.07 -1.99
N GLU E 63 7.85 -14.95 -2.50
CA GLU E 63 8.79 -14.59 -3.56
C GLU E 63 8.04 -14.37 -4.86
N CYS E 64 7.04 -15.20 -5.15
CA CYS E 64 6.21 -15.11 -6.34
C CYS E 64 5.56 -13.74 -6.51
N LEU E 65 5.18 -13.08 -5.41
CA LEU E 65 4.57 -11.75 -5.50
C LEU E 65 5.62 -10.62 -5.51
N PHE E 66 6.78 -10.85 -4.87
CA PHE E 66 7.89 -9.91 -4.82
C PHE E 66 8.59 -9.82 -6.18
N ARG E 67 8.69 -10.95 -6.91
CA ARG E 67 9.28 -11.04 -8.24
C ARG E 67 8.29 -10.59 -9.34
N ALA E 68 6.98 -10.75 -9.12
CA ALA E 68 5.97 -10.31 -10.09
C ALA E 68 5.78 -8.79 -10.12
N GLY E 69 6.10 -8.12 -9.02
CA GLY E 69 5.96 -6.68 -8.95
C GLY E 69 4.74 -6.23 -8.21
N ARG E 70 4.35 -7.00 -7.18
CA ARG E 70 3.18 -6.66 -6.37
C ARG E 70 3.58 -6.62 -4.91
N ARG E 71 4.52 -5.74 -4.56
CA ARG E 71 5.03 -5.60 -3.21
C ARG E 71 4.00 -5.14 -2.19
N ASP E 72 3.02 -4.36 -2.65
CA ASP E 72 1.97 -3.83 -1.78
C ASP E 72 1.11 -4.92 -1.16
N LEU E 73 0.96 -6.05 -1.84
CA LEU E 73 0.15 -7.15 -1.33
C LEU E 73 0.81 -7.92 -0.20
N LEU E 74 2.14 -7.89 -0.10
CA LEU E 74 2.88 -8.62 0.93
C LEU E 74 2.80 -7.98 2.32
N ARG E 75 2.60 -6.66 2.37
CA ARG E 75 2.37 -5.97 3.63
C ARG E 75 0.84 -5.79 3.88
N ASP E 76 -0.03 -6.37 3.02
CA ASP E 76 -1.49 -6.33 3.10
C ASP E 76 -2.05 -7.70 3.48
N LEU E 77 -1.59 -8.77 2.83
CA LEU E 77 -2.11 -10.10 3.08
C LEU E 77 -1.14 -10.99 3.80
N LEU E 78 0.12 -11.03 3.33
CA LEU E 78 1.12 -11.89 3.95
C LEU E 78 1.66 -11.33 5.27
N HIS E 79 1.52 -10.00 5.51
CA HIS E 79 1.94 -9.32 6.74
C HIS E 79 3.44 -9.57 7.10
N LEU E 80 4.38 -9.14 6.24
CA LEU E 80 5.79 -9.46 6.53
C LEU E 80 6.81 -8.32 6.35
N ASP E 81 6.39 -7.04 6.46
CA ASP E 81 7.25 -5.86 6.30
C ASP E 81 8.06 -5.92 4.98
N PRO E 82 7.82 -5.00 4.02
CA PRO E 82 8.58 -5.05 2.75
C PRO E 82 10.07 -4.66 2.91
N ARG E 83 10.40 -3.93 4.00
CA ARG E 83 11.75 -3.51 4.30
C ARG E 83 12.64 -4.73 4.56
N PHE E 84 12.15 -5.71 5.32
CA PHE E 84 12.92 -6.90 5.65
C PHE E 84 12.85 -7.97 4.55
N LEU E 85 11.71 -8.11 3.86
CA LEU E 85 11.50 -9.12 2.81
C LEU E 85 12.41 -8.87 1.59
N GLU E 86 12.63 -7.59 1.28
CA GLU E 86 13.49 -7.15 0.20
C GLU E 86 14.94 -7.37 0.61
N ARG E 87 15.34 -6.96 1.83
CA ARG E 87 16.70 -7.17 2.36
C ARG E 87 17.02 -8.67 2.57
N HIS E 88 15.98 -9.49 2.77
CA HIS E 88 16.07 -10.93 2.97
C HIS E 88 16.22 -11.68 1.65
N LEU E 89 15.28 -11.51 0.69
CA LEU E 89 15.39 -12.23 -0.58
C LEU E 89 16.44 -11.68 -1.54
N ALA E 90 17.42 -10.91 -1.03
CA ALA E 90 18.55 -10.40 -1.80
C ALA E 90 19.73 -11.39 -1.64
N GLY E 91 20.03 -11.74 -0.39
CA GLY E 91 21.07 -12.73 -0.10
C GLY E 91 20.55 -14.13 -0.28
N THR E 92 19.23 -14.34 -0.09
CA THR E 92 18.53 -15.61 -0.17
C THR E 92 18.43 -16.16 -1.58
N MET E 93 18.75 -17.47 -1.71
CA MET E 93 18.70 -18.25 -2.93
C MET E 93 17.26 -18.22 -3.48
N SER E 94 17.14 -18.10 -4.79
CA SER E 94 15.85 -18.01 -5.46
C SER E 94 15.20 -19.35 -5.73
N TYR E 95 13.90 -19.44 -5.39
CA TYR E 95 13.08 -20.63 -5.62
C TYR E 95 12.96 -20.94 -7.12
N PHE E 96 12.94 -19.90 -7.96
CA PHE E 96 12.74 -20.03 -9.41
C PHE E 96 14.04 -20.23 -10.19
N SER E 97 13.91 -20.78 -11.40
CA SER E 97 15.03 -21.03 -12.28
C SER E 97 15.49 -19.76 -13.01
N PRO E 98 16.77 -19.67 -13.42
CA PRO E 98 17.21 -18.49 -14.19
C PRO E 98 16.54 -18.40 -15.56
N TYR E 99 15.87 -19.47 -16.02
CA TYR E 99 15.13 -19.43 -17.25
C TYR E 99 13.78 -18.72 -16.99
N GLN E 100 13.09 -19.07 -15.89
CA GLN E 100 11.82 -18.44 -15.52
C GLN E 100 12.03 -16.95 -15.21
N LEU E 101 13.14 -16.61 -14.55
CA LEU E 101 13.46 -15.24 -14.18
C LEU E 101 13.83 -14.39 -15.40
N THR E 102 14.47 -15.00 -16.42
CA THR E 102 14.87 -14.30 -17.65
C THR E 102 13.65 -13.92 -18.48
N VAL E 103 12.71 -14.86 -18.63
CA VAL E 103 11.48 -14.68 -19.39
C VAL E 103 10.64 -13.54 -18.79
N LEU E 104 10.52 -13.54 -17.45
CA LEU E 104 9.78 -12.52 -16.72
C LEU E 104 10.42 -11.14 -16.89
N HIS E 105 11.77 -11.06 -16.91
CA HIS E 105 12.45 -9.79 -17.11
C HIS E 105 12.27 -9.28 -18.54
N VAL E 106 12.42 -10.17 -19.54
CA VAL E 106 12.22 -9.81 -20.96
C VAL E 106 10.80 -9.25 -21.19
N ASP E 107 9.83 -9.80 -20.44
CA ASP E 107 8.44 -9.39 -20.46
C ASP E 107 8.31 -7.90 -20.06
N GLY E 108 8.90 -7.53 -18.94
CA GLY E 108 8.84 -6.16 -18.43
C GLY E 108 9.48 -5.11 -19.32
N GLU E 109 10.56 -5.48 -20.04
CA GLU E 109 11.26 -4.56 -20.93
C GLU E 109 10.67 -4.53 -22.37
N LEU E 110 9.37 -4.80 -22.51
CA LEU E 110 8.70 -4.79 -23.81
C LEU E 110 7.67 -3.66 -23.89
N CYS E 111 7.54 -3.03 -25.06
CA CYS E 111 6.57 -1.94 -25.24
C CYS E 111 5.29 -2.40 -25.96
N ALA E 112 4.21 -1.61 -25.85
CA ALA E 112 2.93 -1.92 -26.48
C ALA E 112 3.06 -2.04 -28.01
N ARG E 113 3.98 -1.28 -28.62
CA ARG E 113 4.21 -1.37 -30.06
C ARG E 113 4.88 -2.69 -30.42
N ASP E 114 5.77 -3.21 -29.55
CA ASP E 114 6.49 -4.48 -29.75
C ASP E 114 5.58 -5.68 -29.49
N ILE E 115 4.66 -5.56 -28.53
CA ILE E 115 3.73 -6.62 -28.20
C ILE E 115 2.83 -6.91 -29.39
N ARG E 116 2.27 -5.87 -30.01
CA ARG E 116 1.41 -6.02 -31.17
C ARG E 116 2.19 -6.52 -32.38
N SER E 117 3.44 -6.09 -32.53
CA SER E 117 4.29 -6.55 -33.63
C SER E 117 4.65 -8.02 -33.51
N LEU E 118 4.78 -8.53 -32.28
CA LEU E 118 5.07 -9.95 -32.06
C LEU E 118 3.88 -10.82 -32.52
N ILE E 119 2.63 -10.32 -32.36
CA ILE E 119 1.41 -11.00 -32.78
C ILE E 119 1.36 -11.13 -34.30
N PHE E 120 1.64 -10.03 -35.02
CA PHE E 120 1.64 -10.05 -36.48
C PHE E 120 2.84 -10.79 -37.09
N LEU E 121 3.94 -10.96 -36.32
CA LEU E 121 5.12 -11.67 -36.80
C LEU E 121 4.92 -13.19 -36.71
N SER E 122 4.28 -13.68 -35.63
CA SER E 122 4.02 -15.11 -35.46
C SER E 122 2.76 -15.58 -36.21
N LYS E 123 2.87 -16.68 -36.96
CA LYS E 123 1.74 -17.22 -37.72
C LYS E 123 1.09 -18.40 -37.00
N PRO E 132 -0.92 -16.26 -28.43
CA PRO E 132 -1.18 -14.95 -29.05
C PRO E 132 -1.86 -13.95 -28.10
N GLN E 133 -1.44 -12.65 -28.15
CA GLN E 133 -1.95 -11.47 -27.41
C GLN E 133 -1.27 -11.22 -26.02
N THR E 134 -0.26 -12.03 -25.66
CA THR E 134 0.53 -12.04 -24.40
C THR E 134 1.96 -12.50 -24.69
N PHE E 135 2.97 -11.91 -24.04
CA PHE E 135 4.34 -12.37 -24.25
C PHE E 135 4.50 -13.74 -23.61
N LEU E 136 4.05 -13.89 -22.37
CA LEU E 136 4.11 -15.18 -21.67
C LEU E 136 3.27 -16.25 -22.34
N HIS E 137 2.25 -15.85 -23.10
CA HIS E 137 1.41 -16.77 -23.87
C HIS E 137 2.23 -17.33 -25.05
N TRP E 138 3.07 -16.48 -25.69
CA TRP E 138 3.94 -16.87 -26.78
C TRP E 138 5.03 -17.83 -26.28
N VAL E 139 5.57 -17.58 -25.08
CA VAL E 139 6.60 -18.43 -24.47
C VAL E 139 6.02 -19.81 -24.12
N TYR E 140 4.75 -19.85 -23.68
CA TYR E 140 4.01 -21.06 -23.35
C TYR E 140 3.79 -21.92 -24.60
N CYS E 141 3.48 -21.30 -25.73
CA CYS E 141 3.29 -22.05 -26.96
C CYS E 141 4.63 -22.65 -27.40
N MET E 142 5.73 -21.90 -27.22
CA MET E 142 7.10 -22.27 -27.55
C MET E 142 7.62 -23.41 -26.68
N GLU E 143 7.28 -23.40 -25.39
CA GLU E 143 7.68 -24.49 -24.49
C GLU E 143 7.03 -25.81 -24.94
N ASN E 144 5.79 -25.75 -25.48
CA ASN E 144 5.07 -26.90 -26.01
C ASN E 144 5.64 -27.30 -27.38
N LEU E 145 5.78 -26.33 -28.31
CA LEU E 145 6.28 -26.54 -29.68
C LEU E 145 7.80 -26.81 -29.78
N ASP E 146 8.39 -27.29 -28.67
CA ASP E 146 9.78 -27.69 -28.56
C ASP E 146 10.78 -26.70 -29.16
N LEU E 147 10.62 -25.41 -28.85
CA LEU E 147 11.55 -24.40 -29.34
C LEU E 147 12.15 -23.55 -28.20
N LEU E 148 11.43 -23.44 -27.06
CA LEU E 148 11.92 -22.71 -25.88
C LEU E 148 12.01 -23.65 -24.69
N GLY E 149 13.12 -23.56 -23.97
CA GLY E 149 13.38 -24.36 -22.79
C GLY E 149 14.57 -23.82 -22.03
N PRO E 150 14.83 -24.35 -20.83
CA PRO E 150 16.00 -23.88 -20.06
C PRO E 150 17.32 -24.17 -20.76
N THR E 151 17.34 -25.19 -21.61
CA THR E 151 18.51 -25.60 -22.36
C THR E 151 18.65 -24.76 -23.63
N ASP E 152 17.54 -24.54 -24.34
CA ASP E 152 17.57 -23.78 -25.59
C ASP E 152 16.73 -22.52 -25.54
N VAL E 153 17.37 -21.38 -25.75
CA VAL E 153 16.67 -20.09 -25.79
C VAL E 153 16.96 -19.31 -27.07
N ASP E 154 17.43 -19.99 -28.15
CA ASP E 154 17.75 -19.35 -29.43
C ASP E 154 16.52 -18.94 -30.23
N ALA E 155 15.34 -19.49 -29.91
CA ALA E 155 14.08 -19.10 -30.56
C ALA E 155 13.65 -17.70 -30.11
N LEU E 156 13.98 -17.33 -28.87
CA LEU E 156 13.71 -16.04 -28.27
C LEU E 156 14.73 -15.01 -28.75
N MET E 157 16.01 -15.41 -28.83
CA MET E 157 17.13 -14.57 -29.28
C MET E 157 16.91 -14.03 -30.68
N SER E 158 16.38 -14.87 -31.56
CA SER E 158 16.11 -14.48 -32.94
C SER E 158 14.89 -13.57 -32.98
N MET E 159 13.83 -13.90 -32.22
CA MET E 159 12.62 -13.09 -32.16
C MET E 159 12.85 -11.71 -31.59
N LEU E 160 13.87 -11.54 -30.73
CA LEU E 160 14.18 -10.25 -30.13
C LEU E 160 14.98 -9.40 -31.11
N ARG E 161 15.96 -10.01 -31.81
CA ARG E 161 16.76 -9.29 -32.79
C ARG E 161 15.87 -8.86 -33.96
N SER E 162 15.01 -9.77 -34.43
CA SER E 162 14.10 -9.53 -35.54
C SER E 162 12.81 -8.81 -35.12
N LEU E 163 12.89 -7.97 -34.09
CA LEU E 163 11.74 -7.19 -33.66
C LEU E 163 12.12 -5.72 -33.59
N SER E 164 13.05 -5.36 -32.70
CA SER E 164 13.53 -4.00 -32.46
C SER E 164 14.38 -4.00 -31.19
N ARG E 165 14.05 -4.87 -30.21
CA ARG E 165 14.73 -5.00 -28.94
C ARG E 165 16.04 -5.78 -29.02
N VAL E 166 16.90 -5.39 -29.98
CA VAL E 166 18.24 -5.94 -30.19
C VAL E 166 19.08 -5.77 -28.92
N ASP E 167 18.92 -4.60 -28.27
CA ASP E 167 19.53 -4.16 -27.03
C ASP E 167 19.36 -5.18 -25.87
N LEU E 168 18.28 -5.96 -25.92
CA LEU E 168 17.95 -6.93 -24.88
C LEU E 168 18.52 -8.33 -25.08
N GLN E 169 19.14 -8.59 -26.22
CA GLN E 169 19.71 -9.93 -26.48
C GLN E 169 20.96 -10.24 -25.67
N ARG E 170 21.56 -9.24 -25.01
CA ARG E 170 22.80 -9.40 -24.23
C ARG E 170 22.60 -9.92 -22.79
N GLN E 171 21.46 -9.63 -22.19
CA GLN E 171 21.16 -10.11 -20.83
C GLN E 171 20.72 -11.58 -20.85
N VAL E 172 20.03 -11.99 -21.93
CA VAL E 172 19.54 -13.35 -22.13
C VAL E 172 20.72 -14.30 -22.28
N GLN E 173 21.73 -13.92 -23.11
CA GLN E 173 22.94 -14.70 -23.33
C GLN E 173 23.67 -15.10 -22.02
N THR E 174 23.39 -14.40 -20.91
CA THR E 174 23.98 -14.73 -19.63
C THR E 174 23.29 -15.97 -19.06
N SER F 5 34.12 34.54 0.02
CA SER F 5 33.83 33.49 1.00
C SER F 5 32.81 32.48 0.45
N MET F 6 33.00 31.17 0.78
CA MET F 6 32.13 30.09 0.30
C MET F 6 31.84 29.02 1.37
N ALA F 7 30.61 28.46 1.33
CA ALA F 7 30.16 27.45 2.28
C ALA F 7 30.68 26.03 1.97
N THR F 8 31.58 25.51 2.85
CA THR F 8 32.21 24.20 2.76
C THR F 8 31.17 23.07 2.79
N TYR F 9 31.38 22.02 1.99
CA TYR F 9 30.46 20.88 1.92
C TYR F 9 30.41 20.11 3.22
N GLU F 10 31.55 19.99 3.91
CA GLU F 10 31.67 19.27 5.18
C GLU F 10 30.93 19.98 6.31
N VAL F 11 30.94 21.32 6.31
CA VAL F 11 30.26 22.10 7.33
C VAL F 11 28.75 22.00 7.16
N LEU F 12 28.29 22.05 5.91
CA LEU F 12 26.89 21.97 5.52
C LEU F 12 26.17 20.72 6.03
N CYS F 13 26.89 19.60 6.16
CA CYS F 13 26.31 18.36 6.67
C CYS F 13 26.12 18.42 8.17
N GLU F 14 27.09 19.03 8.89
CA GLU F 14 27.05 19.20 10.35
C GLU F 14 25.93 20.16 10.81
N VAL F 15 25.54 21.10 9.93
CA VAL F 15 24.47 22.04 10.19
C VAL F 15 23.11 21.33 10.06
N ALA F 16 22.99 20.43 9.05
CA ALA F 16 21.78 19.68 8.75
C ALA F 16 21.39 18.64 9.78
N GLU F 17 22.36 18.07 10.51
CA GLU F 17 22.00 17.08 11.54
C GLU F 17 21.49 17.79 12.79
N LYS F 18 22.12 18.95 13.14
CA LYS F 18 21.73 19.75 14.31
C LYS F 18 20.56 20.73 14.05
N LEU F 19 19.68 20.42 13.09
CA LEU F 19 18.53 21.27 12.79
C LEU F 19 17.22 20.51 12.99
N GLY F 20 16.43 20.96 13.95
CA GLY F 20 15.13 20.36 14.26
C GLY F 20 14.15 20.52 13.12
N THR F 21 13.11 19.66 13.02
CA THR F 21 12.14 19.70 11.90
C THR F 21 11.48 21.07 11.65
N ASP F 22 11.27 21.87 12.72
CA ASP F 22 10.67 23.21 12.63
C ASP F 22 11.67 24.22 12.05
N ASP F 23 12.96 24.07 12.44
CA ASP F 23 14.07 24.91 12.02
C ASP F 23 14.39 24.71 10.54
N ARG F 24 14.26 23.47 10.05
CA ARG F 24 14.51 23.05 8.66
C ARG F 24 13.75 23.95 7.69
N GLU F 25 12.48 24.24 8.02
CA GLU F 25 11.58 25.07 7.24
C GLU F 25 11.95 26.55 7.21
N VAL F 26 12.43 27.06 8.34
CA VAL F 26 12.79 28.46 8.45
C VAL F 26 14.01 28.75 7.55
N VAL F 27 15.03 27.88 7.60
CA VAL F 27 16.24 28.01 6.82
C VAL F 27 15.94 27.90 5.33
N LEU F 28 15.16 26.87 4.94
CA LEU F 28 14.75 26.64 3.55
C LEU F 28 13.93 27.79 2.93
N PHE F 29 13.09 28.51 3.70
CA PHE F 29 12.31 29.62 3.13
C PHE F 29 13.26 30.78 2.84
N LEU F 30 14.06 31.15 3.84
CA LEU F 30 15.05 32.20 3.71
C LEU F 30 16.06 31.87 2.57
N LEU F 31 16.20 30.58 2.18
CA LEU F 31 17.06 30.05 1.12
C LEU F 31 16.43 30.14 -0.29
N ASN F 32 15.14 30.49 -0.40
CA ASN F 32 14.41 30.58 -1.68
C ASN F 32 14.26 29.21 -2.38
N VAL F 33 14.10 28.14 -1.59
CA VAL F 33 13.87 26.76 -2.06
C VAL F 33 13.20 25.93 -0.95
N PHE F 34 11.88 26.11 -0.77
CA PHE F 34 11.15 25.43 0.30
C PHE F 34 10.44 24.14 -0.11
N ILE F 35 10.59 23.14 0.75
CA ILE F 35 9.99 21.81 0.70
C ILE F 35 9.38 21.62 2.09
N PRO F 36 8.05 21.55 2.22
CA PRO F 36 7.43 21.46 3.55
C PRO F 36 7.69 20.15 4.26
N GLN F 37 8.01 20.24 5.57
CA GLN F 37 8.35 19.14 6.49
C GLN F 37 9.39 18.21 5.85
N PRO F 38 10.65 18.68 5.72
CA PRO F 38 11.66 17.89 4.99
C PRO F 38 12.52 16.93 5.82
N THR F 39 12.87 15.79 5.23
CA THR F 39 13.71 14.77 5.86
C THR F 39 15.21 15.16 5.77
N LEU F 40 16.10 14.34 6.39
CA LEU F 40 17.55 14.55 6.37
C LEU F 40 18.10 14.63 4.95
N ALA F 41 17.68 13.72 4.06
CA ALA F 41 18.13 13.73 2.66
C ALA F 41 17.53 14.92 1.90
N GLN F 42 16.28 15.31 2.24
CA GLN F 42 15.56 16.43 1.66
C GLN F 42 16.13 17.79 2.06
N LEU F 43 16.87 17.84 3.17
CA LEU F 43 17.46 19.09 3.70
C LEU F 43 18.86 19.36 3.09
N ILE F 44 19.69 18.32 2.95
CA ILE F 44 21.04 18.40 2.41
C ILE F 44 21.09 18.42 0.87
N GLY F 45 20.07 17.87 0.23
CA GLY F 45 19.99 17.86 -1.23
C GLY F 45 19.69 19.22 -1.81
N ALA F 46 18.90 20.03 -1.08
CA ALA F 46 18.55 21.41 -1.44
C ALA F 46 19.71 22.38 -1.20
N LEU F 47 20.65 22.02 -0.31
CA LEU F 47 21.83 22.82 0.00
C LEU F 47 22.92 22.47 -1.03
N ARG F 48 23.14 21.17 -1.29
CA ARG F 48 24.15 20.68 -2.23
C ARG F 48 24.08 21.36 -3.62
N ALA F 49 22.87 21.59 -4.15
CA ALA F 49 22.70 22.24 -5.46
C ALA F 49 22.92 23.75 -5.43
N LEU F 50 22.82 24.37 -4.25
CA LEU F 50 23.08 25.79 -4.08
C LEU F 50 24.59 26.01 -3.89
N LYS F 51 25.30 25.06 -3.23
CA LYS F 51 26.76 25.14 -3.13
C LYS F 51 27.37 24.78 -4.51
N GLU F 52 26.71 23.87 -5.28
CA GLU F 52 27.13 23.47 -6.63
C GLU F 52 26.73 24.50 -7.72
N GLU F 53 25.74 25.37 -7.45
CA GLU F 53 25.31 26.46 -8.34
C GLU F 53 26.11 27.77 -8.07
N GLY F 54 26.60 27.93 -6.84
CA GLY F 54 27.40 29.07 -6.44
C GLY F 54 26.69 30.02 -5.50
N ARG F 55 25.35 29.98 -5.48
CA ARG F 55 24.55 30.87 -4.65
C ARG F 55 24.77 30.73 -3.13
N LEU F 56 25.24 29.57 -2.64
CA LEU F 56 25.46 29.39 -1.19
C LEU F 56 26.84 29.87 -0.70
N THR F 57 26.96 31.17 -0.42
CA THR F 57 28.18 31.76 0.09
C THR F 57 28.25 31.63 1.62
N PHE F 58 29.44 31.81 2.21
CA PHE F 58 29.61 31.72 3.66
C PHE F 58 28.78 32.75 4.44
N PRO F 59 28.78 34.07 4.10
CA PRO F 59 27.96 35.01 4.88
C PRO F 59 26.46 34.89 4.67
N LEU F 60 26.04 34.21 3.61
CA LEU F 60 24.64 33.93 3.36
C LEU F 60 24.19 32.85 4.35
N LEU F 61 25.05 31.85 4.64
CA LEU F 61 24.74 30.79 5.61
C LEU F 61 24.92 31.30 7.03
N ALA F 62 25.92 32.16 7.27
CA ALA F 62 26.14 32.71 8.61
C ALA F 62 24.94 33.57 9.05
N GLU F 63 24.42 34.39 8.13
CA GLU F 63 23.24 35.18 8.39
C GLU F 63 22.00 34.29 8.49
N CYS F 64 21.93 33.27 7.60
CA CYS F 64 20.90 32.23 7.49
C CYS F 64 20.63 31.53 8.82
N LEU F 65 21.62 31.51 9.72
CA LEU F 65 21.45 30.87 11.02
C LEU F 65 21.25 31.88 12.15
N PHE F 66 21.76 33.09 11.97
CA PHE F 66 21.62 34.18 12.92
C PHE F 66 20.20 34.74 12.88
N ARG F 67 19.56 34.77 11.69
CA ARG F 67 18.20 35.29 11.51
C ARG F 67 17.12 34.27 11.89
N ALA F 68 17.40 32.99 11.66
CA ALA F 68 16.44 31.95 12.01
C ALA F 68 16.32 31.86 13.54
N GLY F 69 17.46 31.90 14.24
CA GLY F 69 17.46 31.82 15.69
C GLY F 69 18.26 30.65 16.22
N ARG F 70 19.35 30.31 15.53
CA ARG F 70 20.22 29.22 15.95
C ARG F 70 21.63 29.77 16.09
N ARG F 71 21.85 30.66 17.07
CA ARG F 71 23.14 31.30 17.31
C ARG F 71 24.20 30.36 17.90
N ASP F 72 23.80 29.20 18.43
CA ASP F 72 24.73 28.25 19.01
C ASP F 72 25.65 27.67 17.96
N LEU F 73 25.09 27.27 16.80
CA LEU F 73 25.81 26.68 15.67
C LEU F 73 26.84 27.60 15.02
N LEU F 74 26.66 28.92 15.14
CA LEU F 74 27.55 29.92 14.55
C LEU F 74 28.94 29.95 15.18
N ARG F 75 29.03 29.57 16.46
CA ARG F 75 30.29 29.48 17.20
C ARG F 75 30.85 28.05 17.19
N ASP F 76 29.93 27.05 17.11
CA ASP F 76 30.22 25.62 17.12
C ASP F 76 30.78 25.13 15.81
N LEU F 77 30.17 25.55 14.70
CA LEU F 77 30.60 25.06 13.39
C LEU F 77 31.30 26.12 12.57
N LEU F 78 30.71 27.30 12.48
CA LEU F 78 31.30 28.37 11.65
C LEU F 78 32.48 29.06 12.35
N HIS F 79 32.58 28.92 13.70
CA HIS F 79 33.63 29.47 14.54
C HIS F 79 33.69 30.99 14.46
N LEU F 80 32.51 31.60 14.48
CA LEU F 80 32.31 33.03 14.38
C LEU F 80 31.93 33.58 15.75
N GLU F 86 27.05 39.28 15.53
CA GLU F 86 25.91 40.12 15.88
C GLU F 86 26.29 41.57 15.67
N ARG F 87 27.45 42.02 16.23
CA ARG F 87 27.93 43.40 16.09
C ARG F 87 28.30 43.76 14.63
N HIS F 88 28.66 42.74 13.84
CA HIS F 88 29.00 42.90 12.43
C HIS F 88 27.71 42.92 11.59
N LEU F 89 26.80 41.96 11.89
CA LEU F 89 25.48 41.74 11.28
C LEU F 89 24.46 42.83 11.63
N ALA F 90 24.93 44.02 12.03
CA ALA F 90 24.08 45.13 12.42
C ALA F 90 24.32 46.31 11.47
N GLY F 91 25.59 46.68 11.26
CA GLY F 91 25.97 47.73 10.34
C GLY F 91 25.92 47.24 8.91
N THR F 92 26.26 45.95 8.71
CA THR F 92 26.26 45.26 7.42
C THR F 92 24.83 45.10 6.89
N MET F 93 24.69 45.22 5.56
CA MET F 93 23.42 45.11 4.84
C MET F 93 22.95 43.65 4.82
N SER F 94 21.63 43.43 4.91
CA SER F 94 21.04 42.09 4.92
C SER F 94 20.91 41.44 3.54
N TYR F 95 21.36 40.18 3.44
CA TYR F 95 21.29 39.34 2.24
C TYR F 95 19.83 39.07 1.84
N PHE F 96 18.93 38.97 2.83
CA PHE F 96 17.52 38.66 2.61
C PHE F 96 16.65 39.88 2.34
N SER F 97 15.51 39.63 1.68
CA SER F 97 14.55 40.65 1.30
C SER F 97 13.66 41.04 2.49
N PRO F 98 13.12 42.27 2.50
CA PRO F 98 12.18 42.64 3.58
C PRO F 98 10.89 41.82 3.56
N TYR F 99 10.61 41.06 2.48
CA TYR F 99 9.45 40.19 2.44
C TYR F 99 9.79 38.89 3.20
N GLN F 100 10.98 38.33 2.94
CA GLN F 100 11.43 37.12 3.64
C GLN F 100 11.54 37.37 5.14
N LEU F 101 12.04 38.56 5.52
CA LEU F 101 12.23 38.95 6.91
C LEU F 101 10.90 39.20 7.62
N THR F 102 9.88 39.71 6.91
CA THR F 102 8.54 39.99 7.46
C THR F 102 7.83 38.71 7.80
N VAL F 103 7.86 37.74 6.86
CA VAL F 103 7.22 36.44 7.01
C VAL F 103 7.79 35.70 8.23
N LEU F 104 9.12 35.69 8.36
CA LEU F 104 9.82 35.06 9.46
C LEU F 104 9.44 35.70 10.80
N HIS F 105 9.28 37.04 10.83
CA HIS F 105 8.88 37.72 12.07
C HIS F 105 7.44 37.41 12.44
N VAL F 106 6.51 37.45 11.46
CA VAL F 106 5.10 37.12 11.69
C VAL F 106 4.95 35.70 12.25
N ASP F 107 5.84 34.79 11.82
CA ASP F 107 5.91 33.40 12.26
C ASP F 107 6.16 33.34 13.78
N GLY F 108 7.19 34.04 14.25
CA GLY F 108 7.58 34.05 15.64
C GLY F 108 6.52 34.61 16.59
N GLU F 109 5.75 35.61 16.13
CA GLU F 109 4.71 36.24 16.94
C GLU F 109 3.34 35.55 16.84
N LEU F 110 3.33 34.22 16.60
CA LEU F 110 2.09 33.47 16.50
C LEU F 110 1.98 32.47 17.64
N CYS F 111 0.77 32.27 18.16
CA CYS F 111 0.56 31.33 19.26
C CYS F 111 0.01 29.97 18.79
N ALA F 112 0.14 28.92 19.61
CA ALA F 112 -0.36 27.59 19.30
C ALA F 112 -1.86 27.58 19.03
N ARG F 113 -2.62 28.45 19.69
CA ARG F 113 -4.06 28.55 19.47
C ARG F 113 -4.34 29.14 18.07
N ASP F 114 -3.52 30.10 17.63
CA ASP F 114 -3.65 30.75 16.33
C ASP F 114 -3.21 29.84 15.20
N ILE F 115 -2.17 29.04 15.42
CA ILE F 115 -1.64 28.12 14.43
C ILE F 115 -2.71 27.09 14.05
N ARG F 116 -3.37 26.51 15.04
CA ARG F 116 -4.42 25.52 14.82
C ARG F 116 -5.64 26.17 14.16
N SER F 117 -5.97 27.40 14.55
CA SER F 117 -7.11 28.12 13.98
C SER F 117 -6.88 28.47 12.51
N LEU F 118 -5.63 28.73 12.13
CA LEU F 118 -5.29 29.03 10.73
C LEU F 118 -5.53 27.80 9.85
N ILE F 119 -5.29 26.58 10.38
CA ILE F 119 -5.49 25.32 9.67
C ILE F 119 -6.98 25.09 9.40
N PHE F 120 -7.84 25.30 10.41
CA PHE F 120 -9.28 25.13 10.24
C PHE F 120 -9.92 26.24 9.42
N LEU F 121 -9.27 27.42 9.32
CA LEU F 121 -9.80 28.53 8.54
C LEU F 121 -9.53 28.38 7.03
N SER F 122 -8.29 28.08 6.64
CA SER F 122 -7.98 27.93 5.21
C SER F 122 -8.29 26.53 4.69
N LYS F 123 -9.57 26.15 4.68
CA LYS F 123 -10.01 24.86 4.19
C LYS F 123 -10.17 24.95 2.67
N ASP F 124 -9.03 25.13 2.01
CA ASP F 124 -8.91 25.30 0.56
C ASP F 124 -8.34 24.05 -0.13
N THR F 125 -7.56 23.22 0.61
CA THR F 125 -6.90 22.00 0.09
C THR F 125 -5.90 22.32 -1.01
N THR F 131 -2.17 22.58 4.41
CA THR F 131 -1.08 23.16 5.20
C THR F 131 -0.90 22.47 6.57
N PRO F 132 -0.25 21.29 6.60
CA PRO F 132 -0.09 20.57 7.88
C PRO F 132 0.82 21.20 8.96
N GLN F 133 0.19 21.94 9.89
CA GLN F 133 0.75 22.58 11.08
C GLN F 133 1.93 23.53 10.87
N THR F 134 2.01 24.23 9.72
CA THR F 134 3.10 25.19 9.51
C THR F 134 2.64 26.53 8.98
N PHE F 135 3.13 27.63 9.58
CA PHE F 135 2.79 28.94 9.07
C PHE F 135 3.53 29.13 7.75
N LEU F 136 4.83 28.81 7.71
CA LEU F 136 5.64 28.91 6.48
C LEU F 136 5.13 27.99 5.36
N HIS F 137 4.42 26.91 5.72
CA HIS F 137 3.80 25.98 4.79
C HIS F 137 2.61 26.69 4.12
N TRP F 138 1.84 27.48 4.90
CA TRP F 138 0.70 28.23 4.40
C TRP F 138 1.16 29.36 3.48
N VAL F 139 2.29 30.01 3.80
CA VAL F 139 2.87 31.08 2.99
C VAL F 139 3.37 30.53 1.64
N TYR F 140 3.92 29.30 1.65
CA TYR F 140 4.38 28.57 0.47
C TYR F 140 3.20 28.28 -0.49
N CYS F 141 1.98 28.04 0.07
CA CYS F 141 0.76 27.81 -0.69
C CYS F 141 0.36 29.07 -1.44
N MET F 142 0.49 30.21 -0.79
CA MET F 142 0.18 31.51 -1.35
C MET F 142 1.17 31.93 -2.43
N GLU F 143 2.42 31.46 -2.36
CA GLU F 143 3.43 31.73 -3.38
C GLU F 143 3.03 31.07 -4.71
N ASN F 144 2.49 29.86 -4.63
CA ASN F 144 2.04 29.11 -5.80
C ASN F 144 0.68 29.64 -6.25
N LEU F 145 -0.20 30.00 -5.31
CA LEU F 145 -1.56 30.50 -5.60
C LEU F 145 -1.67 32.03 -5.75
N ASP F 146 -0.53 32.72 -5.91
CA ASP F 146 -0.45 34.17 -6.13
C ASP F 146 -1.33 35.00 -5.18
N GLY F 149 3.27 36.60 -2.54
CA GLY F 149 3.86 37.64 -3.38
C GLY F 149 4.66 38.70 -2.62
N PRO F 150 5.80 39.18 -3.18
CA PRO F 150 6.66 40.13 -2.43
C PRO F 150 6.21 41.59 -2.46
N THR F 151 5.48 41.96 -3.51
CA THR F 151 4.97 43.30 -3.68
C THR F 151 3.65 43.47 -2.93
N ASP F 152 2.78 42.45 -3.00
CA ASP F 152 1.46 42.50 -2.38
C ASP F 152 1.29 41.44 -1.30
N VAL F 153 0.94 41.88 -0.08
CA VAL F 153 0.73 40.98 1.05
C VAL F 153 -0.64 41.17 1.72
N ASP F 154 -1.64 41.55 0.94
CA ASP F 154 -3.01 41.74 1.43
C ASP F 154 -3.73 40.42 1.74
N ALA F 155 -3.22 39.28 1.24
CA ALA F 155 -3.80 37.97 1.55
C ALA F 155 -3.49 37.56 3.02
N LEU F 156 -2.33 38.03 3.54
CA LEU F 156 -1.87 37.80 4.90
C LEU F 156 -2.57 38.77 5.85
N MET F 157 -2.75 40.03 5.42
CA MET F 157 -3.40 41.08 6.18
C MET F 157 -4.84 40.75 6.52
N SER F 158 -5.55 40.12 5.58
CA SER F 158 -6.94 39.72 5.81
C SER F 158 -6.97 38.52 6.75
N MET F 159 -6.09 37.53 6.51
CA MET F 159 -6.00 36.34 7.36
C MET F 159 -5.61 36.70 8.80
N LEU F 160 -4.89 37.82 8.99
CA LEU F 160 -4.46 38.29 10.31
C LEU F 160 -5.63 38.95 11.04
N ARG F 161 -6.37 39.82 10.35
CA ARG F 161 -7.51 40.51 10.93
C ARG F 161 -8.59 39.50 11.30
N SER F 162 -8.86 38.55 10.39
CA SER F 162 -9.87 37.52 10.59
C SER F 162 -9.36 36.33 11.39
N LEU F 163 -8.42 36.55 12.30
CA LEU F 163 -7.92 35.48 13.16
C LEU F 163 -8.00 35.93 14.62
N SER F 164 -7.20 36.96 15.00
CA SER F 164 -7.13 37.50 16.36
C SER F 164 -5.99 38.51 16.45
N ARG F 165 -4.86 38.24 15.76
CA ARG F 165 -3.68 39.09 15.83
C ARG F 165 -3.79 40.37 15.00
N VAL F 166 -4.74 41.23 15.38
CA VAL F 166 -4.95 42.52 14.74
C VAL F 166 -3.78 43.49 14.99
N ASP F 167 -3.01 43.25 16.08
CA ASP F 167 -1.83 44.04 16.43
C ASP F 167 -0.65 43.81 15.48
N LEU F 168 -0.63 42.65 14.78
CA LEU F 168 0.44 42.34 13.84
C LEU F 168 0.27 43.02 12.47
N GLN F 169 -0.90 43.58 12.19
CA GLN F 169 -1.15 44.29 10.94
C GLN F 169 -0.36 45.61 10.85
N ARG F 170 0.00 46.22 11.98
CA ARG F 170 0.76 47.48 11.98
C ARG F 170 2.21 47.28 11.48
N GLN F 171 2.91 46.26 12.02
CA GLN F 171 4.28 45.93 11.61
C GLN F 171 4.31 45.39 10.18
N VAL F 172 3.25 44.66 9.79
CA VAL F 172 3.12 44.12 8.44
C VAL F 172 2.93 45.28 7.46
N GLN F 173 2.05 46.25 7.77
CA GLN F 173 1.84 47.43 6.91
C GLN F 173 3.10 48.26 6.69
N THR F 174 4.08 48.11 7.57
CA THR F 174 5.35 48.79 7.52
C THR F 174 6.32 47.98 6.63
N LEU F 175 6.41 46.67 6.89
CA LEU F 175 7.32 45.82 6.16
C LEU F 175 6.62 44.87 5.22
#